data_5F0E
#
_entry.id   5F0E
#
_cell.length_a   104.144
_cell.length_b   173.773
_cell.length_c   62.836
_cell.angle_alpha   90.00
_cell.angle_beta   90.00
_cell.angle_gamma   90.00
#
_symmetry.space_group_name_H-M   'P 21 21 2'
#
loop_
_entity.id
_entity.type
_entity.pdbx_description
1 polymer 'Neutral alpha-glucosidase AB'
2 polymer 'Glucosidase 2 subunit beta'
3 branched 2-acetamido-2-deoxy-beta-D-glucopyranose-(1-4)-2-acetamido-2-deoxy-beta-D-glucopyranose
4 non-polymer 'TETRAETHYLENE GLYCOL'
5 non-polymer 'HEXAETHYLENE GLYCOL'
6 non-polymer 1,2-ETHANEDIOL
7 non-polymer 'FORMIC ACID'
8 non-polymer 'CALCIUM ION'
9 water water
#
loop_
_entity_poly.entity_id
_entity_poly.type
_entity_poly.pdbx_seq_one_letter_code
_entity_poly.pdbx_strand_id
1 'polypeptide(L)'
;VDRSNFKTCDESSFCKRQRSIRPGLSPYRALLDTLQLGPDALTVHLIHEVTKVLLVLELQGLQKNMTRIRIDELEPRRPR
YRVPDVLVADPPTARLSVSGRDDNSVELTVAEGPYKIILTAQPFRLDLLEDRSLLLSVNARGLMAFEHQRAPREPGAWEE
TFKTHSDSKPYGPTSVGLDFSLPGMEHVYGIPEHADSLRLKVTEGGEPYRLYNLDVFQYELNNPMALYGSVPVLLAHSFH
RDLGIFWLNAAETWVDISSNTPQTDIRWMSESGIIDVFLMLGPSVFDVFRQYASLTGTQALPPLFSLGYHQSRWNYRDEA
DVLEVDQGFDDHNMPCDVIWLDIEHADGKRYFTWDPTRFPQPLNMLEHLASKRRKLVAIVDPHIKVDSGYRVHEELRNHG
LYVKTRDGSDYEGWCWPGSASYPDFTNPRMRAWWSNMFSFDNYEGSAPNLYVWNDMNEPSVFNGPEVTMLKDAVHYGGWE
HRDIHNIYGLYVHMATADGLIQRSGGIERPFVLSRAFFSGSQRFGAVWTGDNTAEWDHLKISIPMCLSLALVGLSFCGAD
VGGFFKNPEPELLVRWYQMGAYQPFFRAHAHLDTGRREPWLLASQYQDAIRDALFQRYSLLPFWYTLFYQAHKEGFPVMR
PLWVQYPEDMSTFSIEDQFMLGDALLIHPVSDAGAHGVQVYLPGQEEVWYDIQSYQKHHGPQTLYLPVTLSSIPVFQRGG
TIVPRWMRVRRSSDCMKDDPITLFVALSPQGTAQGELFLDDGHTFNYQTRHEFLLRRFSFSGSTLVSSSADPKGHLETPI
WIERVVIMGAGKPAAVVLQTKGSPESRLSFQHDPETSVLILRKPGVSVASDWSIHLR
;
A
2 'polypeptide(L)'
;FYEESKPFTCLDGTATIPFDQVNDDYCDCKDGSDEPGTAACPNGSFHCTNTGYKPLYILSSRVNDGVCDCCDGTDEYNSG
TVCENTCR
;
B
#
# COMPACT_ATOMS: atom_id res chain seq x y z
N VAL A 1 -8.24 24.51 -2.02
CA VAL A 1 -7.07 24.85 -1.21
C VAL A 1 -6.84 26.39 -1.08
N ASP A 2 -6.33 26.82 0.07
CA ASP A 2 -5.91 28.21 0.29
C ASP A 2 -4.38 28.18 0.20
N ARG A 3 -3.80 28.53 -0.97
CA ARG A 3 -2.36 28.45 -1.17
C ARG A 3 -1.58 29.39 -0.27
N SER A 4 -2.19 30.49 0.19
CA SER A 4 -1.51 31.46 1.05
C SER A 4 -1.15 30.87 2.44
N ASN A 5 -1.77 29.71 2.84
CA ASN A 5 -1.48 29.05 4.12
C ASN A 5 -0.22 28.19 4.05
N PHE A 6 0.32 27.98 2.85
CA PHE A 6 1.47 27.08 2.64
C PHE A 6 2.56 27.82 1.93
N LYS A 7 3.77 27.68 2.39
CA LYS A 7 4.92 28.36 1.80
C LYS A 7 5.27 27.88 0.40
N THR A 8 5.53 28.85 -0.50
CA THR A 8 6.10 28.60 -1.78
C THR A 8 7.64 28.64 -1.52
N CYS A 9 8.46 28.20 -2.47
CA CYS A 9 9.91 28.17 -2.27
C CYS A 9 10.46 29.53 -1.86
N ASP A 10 9.96 30.59 -2.48
CA ASP A 10 10.41 31.96 -2.11
C ASP A 10 10.08 32.36 -0.64
N GLU A 11 9.07 31.73 -0.02
CA GLU A 11 8.66 31.95 1.38
C GLU A 11 9.35 31.06 2.42
N SER A 12 10.13 30.10 1.96
CA SER A 12 10.90 29.23 2.82
C SER A 12 12.36 29.74 2.65
N SER A 13 12.94 30.44 3.63
CA SER A 13 14.23 31.09 3.37
C SER A 13 15.31 30.14 2.93
N PHE A 14 15.37 28.92 3.49
CA PHE A 14 16.40 27.99 3.06
C PHE A 14 16.19 27.54 1.62
N CYS A 15 14.91 27.40 1.16
CA CYS A 15 14.69 27.01 -0.23
C CYS A 15 15.14 28.14 -1.14
N LYS A 16 14.75 29.35 -0.80
CA LYS A 16 15.13 30.51 -1.60
C LYS A 16 16.66 30.64 -1.67
N ARG A 17 17.38 30.46 -0.56
CA ARG A 17 18.86 30.52 -0.57
C ARG A 17 19.45 29.44 -1.48
N GLN A 18 19.01 28.18 -1.29
CA GLN A 18 19.55 27.09 -2.11
C GLN A 18 19.20 27.26 -3.56
N ARG A 19 17.91 27.54 -3.88
CA ARG A 19 17.48 27.63 -5.27
C ARG A 19 18.12 28.81 -6.01
N SER A 20 18.55 29.85 -5.30
CA SER A 20 19.22 31.01 -5.95
C SER A 20 20.60 30.62 -6.52
N ILE A 21 21.18 29.50 -6.07
CA ILE A 21 22.46 29.05 -6.61
C ILE A 21 22.17 28.45 -7.99
N ARG A 22 22.82 28.96 -9.01
CA ARG A 22 22.57 28.51 -10.37
C ARG A 22 23.74 27.68 -10.87
N PRO A 23 23.55 26.90 -11.93
CA PRO A 23 24.67 26.08 -12.45
C PRO A 23 25.94 26.88 -12.68
N GLY A 24 27.08 26.28 -12.35
CA GLY A 24 28.36 26.96 -12.42
C GLY A 24 29.45 26.10 -11.87
N LEU A 25 30.64 26.66 -11.71
CA LEU A 25 31.78 25.94 -11.19
C LEU A 25 31.60 25.86 -9.68
N SER A 26 31.63 24.66 -9.13
CA SER A 26 31.40 24.49 -7.71
C SER A 26 32.55 25.09 -6.91
N PRO A 27 32.29 25.79 -5.79
CA PRO A 27 33.40 26.21 -4.92
C PRO A 27 33.99 25.07 -4.07
N TYR A 28 33.36 23.87 -4.11
CA TYR A 28 33.88 22.74 -3.37
C TYR A 28 34.96 22.02 -4.11
N ARG A 29 36.00 21.63 -3.39
CA ARG A 29 37.05 20.76 -3.92
C ARG A 29 37.46 19.71 -2.89
N ALA A 30 37.83 18.52 -3.35
CA ALA A 30 38.30 17.42 -2.50
C ALA A 30 39.80 17.62 -2.28
N LEU A 31 40.27 17.45 -1.04
CA LEU A 31 41.69 17.59 -0.67
C LEU A 31 42.24 16.16 -0.70
N LEU A 32 42.77 15.74 -1.85
CA LEU A 32 43.20 14.33 -2.03
C LEU A 32 44.31 13.85 -1.11
N ASP A 33 45.09 14.75 -0.51
CA ASP A 33 46.09 14.34 0.48
C ASP A 33 45.41 13.76 1.73
N THR A 34 44.15 14.14 2.00
CA THR A 34 43.39 13.65 3.16
C THR A 34 42.64 12.34 2.89
N LEU A 35 42.70 11.82 1.66
CA LEU A 35 42.02 10.61 1.28
C LEU A 35 42.48 9.41 2.08
N GLN A 36 41.52 8.68 2.65
CA GLN A 36 41.78 7.43 3.38
C GLN A 36 40.85 6.37 2.84
N LEU A 37 41.39 5.20 2.56
CA LEU A 37 40.61 4.09 2.04
C LEU A 37 40.72 2.86 2.94
N GLY A 38 39.55 2.37 3.35
CA GLY A 38 39.42 1.17 4.16
C GLY A 38 38.56 0.15 3.45
N PRO A 39 38.37 -1.03 4.05
CA PRO A 39 37.52 -2.04 3.39
C PRO A 39 36.04 -1.65 3.25
N ASP A 40 35.53 -0.81 4.15
CA ASP A 40 34.12 -0.38 4.15
C ASP A 40 33.83 1.00 3.54
N ALA A 41 34.81 1.91 3.55
CA ALA A 41 34.59 3.25 3.01
C ALA A 41 35.83 3.94 2.54
N LEU A 42 35.62 4.96 1.72
CA LEU A 42 36.65 5.92 1.34
C LEU A 42 36.20 7.21 2.03
N THR A 43 37.13 7.92 2.71
CA THR A 43 36.82 9.23 3.31
C THR A 43 37.80 10.24 2.76
N VAL A 44 37.34 11.48 2.59
CA VAL A 44 38.19 12.54 2.09
C VAL A 44 37.58 13.85 2.52
N HIS A 45 38.42 14.84 2.81
CA HIS A 45 37.94 16.15 3.21
C HIS A 45 37.60 16.95 1.96
N LEU A 46 36.55 17.75 2.03
CA LEU A 46 36.16 18.71 1.01
C LEU A 46 36.31 20.07 1.64
N ILE A 47 36.64 21.08 0.86
CA ILE A 47 36.70 22.45 1.37
C ILE A 47 35.92 23.39 0.47
N HIS A 48 35.23 24.38 1.04
CA HIS A 48 34.58 25.45 0.29
C HIS A 48 35.69 26.49 0.06
N GLU A 49 35.98 26.80 -1.20
CA GLU A 49 37.10 27.71 -1.51
C GLU A 49 37.00 29.12 -0.94
N VAL A 50 35.79 29.65 -0.72
CA VAL A 50 35.62 31.01 -0.22
C VAL A 50 35.59 31.01 1.32
N THR A 51 34.72 30.19 1.92
CA THR A 51 34.52 30.22 3.37
C THR A 51 35.58 29.43 4.12
N LYS A 52 36.25 28.50 3.44
CA LYS A 52 37.27 27.60 3.98
C LYS A 52 36.68 26.58 4.95
N VAL A 53 35.34 26.37 4.94
CA VAL A 53 34.69 25.36 5.78
C VAL A 53 35.11 24.00 5.29
N LEU A 54 35.40 23.08 6.22
CA LEU A 54 35.82 21.73 5.90
C LEU A 54 34.68 20.75 6.13
N LEU A 55 34.44 19.89 5.16
CA LEU A 55 33.43 18.85 5.22
C LEU A 55 34.13 17.55 5.03
N VAL A 56 33.46 16.47 5.39
CA VAL A 56 33.98 15.12 5.23
C VAL A 56 33.00 14.37 4.32
N LEU A 57 33.54 13.78 3.25
CA LEU A 57 32.83 12.87 2.36
C LEU A 57 33.14 11.43 2.79
N GLU A 58 32.11 10.63 3.06
CA GLU A 58 32.24 9.20 3.30
C GLU A 58 31.54 8.54 2.10
N LEU A 59 32.34 7.92 1.23
CA LEU A 59 31.91 7.30 -0.01
C LEU A 59 32.00 5.79 0.13
N GLN A 60 30.90 5.10 -0.13
CA GLN A 60 30.90 3.65 0.03
C GLN A 60 30.26 2.92 -1.11
N GLY A 61 30.94 1.86 -1.53
CA GLY A 61 30.40 0.89 -2.44
C GLY A 61 29.57 -0.02 -1.54
N LEU A 62 28.46 -0.50 -2.03
CA LEU A 62 27.61 -1.42 -1.26
C LEU A 62 27.28 -2.62 -2.07
N GLN A 63 26.97 -3.72 -1.39
CA GLN A 63 26.52 -4.94 -2.04
C GLN A 63 25.18 -4.63 -2.73
N LYS A 64 24.87 -5.39 -3.76
CA LYS A 64 23.65 -5.30 -4.54
C LYS A 64 23.63 -4.03 -5.39
N ASN A 65 24.78 -3.62 -5.97
CA ASN A 65 24.82 -2.50 -6.92
C ASN A 65 24.33 -1.17 -6.38
N MET A 66 24.78 -0.80 -5.19
CA MET A 66 24.44 0.51 -4.66
C MET A 66 25.70 1.26 -4.24
N THR A 67 25.57 2.55 -4.06
CA THR A 67 26.63 3.42 -3.58
C THR A 67 25.99 4.35 -2.57
N ARG A 68 26.68 4.60 -1.47
CA ARG A 68 26.23 5.54 -0.46
C ARG A 68 27.19 6.72 -0.39
N ILE A 69 26.64 7.91 -0.36
CA ILE A 69 27.39 9.15 -0.22
C ILE A 69 26.87 9.88 1.02
N ARG A 70 27.75 10.16 1.97
CA ARG A 70 27.43 10.92 3.16
C ARG A 70 28.40 12.07 3.27
N ILE A 71 27.87 13.29 3.44
CA ILE A 71 28.70 14.48 3.64
C ILE A 71 28.24 15.17 4.93
N ASP A 72 29.18 15.52 5.81
CA ASP A 72 28.92 16.21 7.06
C ASP A 72 30.08 17.17 7.31
N GLU A 73 29.90 18.09 8.24
CA GLU A 73 30.96 19.02 8.65
C GLU A 73 32.08 18.26 9.33
N LEU A 74 33.34 18.67 9.09
CA LEU A 74 34.48 17.98 9.73
C LEU A 74 34.51 18.31 11.22
N GLU A 75 34.27 19.58 11.59
CA GLU A 75 34.29 19.99 13.01
C GLU A 75 33.06 20.81 13.32
N PRO A 76 31.90 20.16 13.49
CA PRO A 76 30.68 20.95 13.73
C PRO A 76 30.59 21.51 15.14
N ARG A 77 29.91 22.66 15.28
CA ARG A 77 29.59 23.27 16.58
C ARG A 77 28.74 22.32 17.39
N ARG A 78 27.82 21.61 16.70
CA ARG A 78 26.98 20.62 17.32
C ARG A 78 26.64 19.53 16.31
N PRO A 79 26.43 18.29 16.75
CA PRO A 79 26.14 17.23 15.77
C PRO A 79 24.90 17.49 14.91
N ARG A 80 24.97 17.08 13.64
CA ARG A 80 23.83 17.19 12.71
C ARG A 80 23.00 15.94 12.78
N TYR A 81 21.71 16.09 12.49
CA TYR A 81 20.78 14.96 12.54
C TYR A 81 21.08 13.92 11.47
N ARG A 82 20.98 12.65 11.84
CA ARG A 82 21.11 11.49 10.94
C ARG A 82 19.86 10.66 11.18
N VAL A 83 19.11 10.36 10.13
CA VAL A 83 17.80 9.73 10.29
C VAL A 83 17.87 8.34 10.92
N PRO A 84 17.24 8.16 12.08
CA PRO A 84 17.22 6.83 12.70
C PRO A 84 15.97 6.03 12.32
N ASP A 85 15.99 4.72 12.60
CA ASP A 85 14.87 3.81 12.53
C ASP A 85 14.23 3.56 11.14
N VAL A 86 14.74 4.17 10.09
CA VAL A 86 14.19 3.97 8.74
C VAL A 86 14.93 2.78 8.09
N LEU A 87 16.25 2.79 8.18
CA LEU A 87 17.09 1.70 7.66
C LEU A 87 16.88 0.47 8.55
N VAL A 88 16.66 -0.69 7.96
CA VAL A 88 16.41 -1.96 8.69
C VAL A 88 17.68 -2.66 9.11
N ALA A 89 18.80 -2.29 8.51
CA ALA A 89 20.09 -2.89 8.83
C ALA A 89 21.19 -1.94 8.42
N ASP A 90 22.42 -2.25 8.85
CA ASP A 90 23.58 -1.49 8.41
C ASP A 90 23.90 -2.15 7.08
N PRO A 91 23.78 -1.44 5.95
CA PRO A 91 23.91 -2.10 4.64
C PRO A 91 25.25 -2.78 4.38
N PRO A 92 25.29 -4.04 3.92
CA PRO A 92 26.59 -4.67 3.65
C PRO A 92 27.38 -3.91 2.60
N THR A 93 28.66 -3.65 2.89
CA THR A 93 29.51 -2.89 1.96
C THR A 93 30.22 -3.76 0.92
N ALA A 94 30.79 -3.08 -0.10
CA ALA A 94 31.62 -3.66 -1.14
C ALA A 94 32.90 -2.80 -1.16
N ARG A 95 34.07 -3.44 -1.31
CA ARG A 95 35.35 -2.76 -1.21
C ARG A 95 35.65 -1.88 -2.41
N LEU A 96 36.17 -0.67 -2.18
CA LEU A 96 36.60 0.24 -3.24
C LEU A 96 38.11 0.09 -3.38
N SER A 97 38.61 -0.14 -4.60
CA SER A 97 40.05 -0.25 -4.91
C SER A 97 40.43 0.89 -5.85
N VAL A 98 41.58 1.51 -5.62
CA VAL A 98 42.06 2.56 -6.50
C VAL A 98 42.58 1.91 -7.79
N SER A 99 41.94 2.17 -8.93
CA SER A 99 42.39 1.62 -10.23
C SER A 99 43.04 2.68 -11.12
N GLY A 100 43.06 3.93 -10.65
CA GLY A 100 43.66 5.05 -11.35
C GLY A 100 43.77 6.25 -10.45
N ARG A 101 44.84 7.05 -10.59
CA ARG A 101 45.01 8.20 -9.73
C ARG A 101 45.97 9.23 -10.32
N ASP A 102 45.59 10.52 -10.32
CA ASP A 102 46.47 11.61 -10.76
C ASP A 102 46.31 12.77 -9.79
N ASP A 103 46.82 13.96 -10.11
CA ASP A 103 46.70 15.08 -9.17
C ASP A 103 45.29 15.60 -9.00
N ASN A 104 44.38 15.35 -9.95
CA ASN A 104 43.01 15.87 -9.83
C ASN A 104 41.93 14.80 -9.85
N SER A 105 42.26 13.51 -9.86
CA SER A 105 41.21 12.50 -10.00
C SER A 105 41.65 11.18 -9.40
N VAL A 106 40.67 10.39 -8.93
CA VAL A 106 40.88 9.05 -8.42
C VAL A 106 39.78 8.20 -9.01
N GLU A 107 40.14 7.06 -9.60
CA GLU A 107 39.19 6.11 -10.19
C GLU A 107 39.15 4.94 -9.24
N LEU A 108 37.93 4.54 -8.81
CA LEU A 108 37.74 3.48 -7.85
C LEU A 108 36.94 2.38 -8.50
N THR A 109 37.32 1.14 -8.24
CA THR A 109 36.60 -0.01 -8.74
C THR A 109 35.85 -0.56 -7.55
N VAL A 110 34.59 -0.98 -7.77
CA VAL A 110 33.76 -1.54 -6.72
C VAL A 110 33.98 -3.05 -6.80
N ALA A 111 34.43 -3.65 -5.70
CA ALA A 111 34.71 -5.08 -5.63
C ALA A 111 35.58 -5.50 -6.84
N GLU A 112 35.17 -6.50 -7.64
CA GLU A 112 35.96 -6.92 -8.80
C GLU A 112 35.35 -6.37 -10.10
N GLY A 113 34.62 -5.25 -10.02
CA GLY A 113 33.99 -4.67 -11.20
C GLY A 113 32.65 -5.32 -11.45
N PRO A 114 31.86 -4.82 -12.41
CA PRO A 114 32.18 -3.78 -13.39
C PRO A 114 31.92 -2.34 -12.96
N TYR A 115 31.38 -2.11 -11.78
CA TYR A 115 31.06 -0.74 -11.37
C TYR A 115 32.32 0.03 -10.98
N LYS A 116 32.36 1.31 -11.35
CA LYS A 116 33.48 2.19 -11.04
C LYS A 116 32.96 3.54 -10.63
N ILE A 117 33.74 4.24 -9.81
CA ILE A 117 33.43 5.60 -9.36
C ILE A 117 34.62 6.47 -9.66
N ILE A 118 34.40 7.61 -10.33
CA ILE A 118 35.48 8.58 -10.56
C ILE A 118 35.23 9.77 -9.65
N LEU A 119 36.18 10.04 -8.74
CA LEU A 119 36.21 11.20 -7.89
C LEU A 119 37.11 12.28 -8.53
N THR A 120 36.54 13.41 -8.91
CA THR A 120 37.32 14.54 -9.42
C THR A 120 37.49 15.49 -8.24
N ALA A 121 38.72 15.94 -7.99
CA ALA A 121 38.98 16.84 -6.89
C ALA A 121 38.49 18.25 -7.11
N GLN A 122 38.81 18.87 -8.27
CA GLN A 122 38.48 20.27 -8.50
C GLN A 122 37.89 20.50 -9.86
N PRO A 123 36.64 20.96 -9.95
CA PRO A 123 35.65 21.09 -8.87
C PRO A 123 35.22 19.69 -8.43
N PHE A 124 34.81 19.56 -7.16
CA PHE A 124 34.38 18.27 -6.62
C PHE A 124 33.25 17.66 -7.49
N ARG A 125 33.43 16.42 -7.90
CA ARG A 125 32.44 15.70 -8.72
C ARG A 125 32.59 14.21 -8.46
N LEU A 126 31.49 13.47 -8.60
CA LEU A 126 31.53 12.00 -8.61
C LEU A 126 30.83 11.53 -9.87
N ASP A 127 31.43 10.57 -10.57
CA ASP A 127 30.83 9.92 -11.74
C ASP A 127 30.70 8.45 -11.43
N LEU A 128 29.52 7.86 -11.66
CA LEU A 128 29.28 6.44 -11.41
C LEU A 128 29.09 5.76 -12.75
N LEU A 129 29.88 4.73 -13.04
CA LEU A 129 29.82 4.00 -14.30
C LEU A 129 29.68 2.50 -14.07
N GLU A 130 29.17 1.80 -15.10
CA GLU A 130 29.21 0.35 -15.20
C GLU A 130 30.08 0.17 -16.42
N ASP A 131 31.30 -0.32 -16.23
CA ASP A 131 32.30 -0.46 -17.30
C ASP A 131 32.53 0.92 -17.94
N ARG A 132 32.14 1.11 -19.21
CA ARG A 132 32.32 2.38 -19.89
C ARG A 132 30.99 3.16 -20.02
N SER A 133 29.90 2.68 -19.37
CA SER A 133 28.60 3.34 -19.45
C SER A 133 28.44 4.27 -18.25
N LEU A 134 28.36 5.58 -18.49
CA LEU A 134 28.18 6.56 -17.43
C LEU A 134 26.71 6.46 -17.00
N LEU A 135 26.46 6.16 -15.73
CA LEU A 135 25.11 6.03 -15.19
C LEU A 135 24.59 7.33 -14.57
N LEU A 136 25.44 7.96 -13.76
CA LEU A 136 25.05 9.17 -13.05
C LEU A 136 26.28 10.00 -12.63
N SER A 137 26.09 11.28 -12.56
CA SER A 137 27.09 12.21 -12.06
C SER A 137 26.50 12.95 -10.86
N VAL A 138 27.34 13.35 -9.94
CA VAL A 138 26.98 14.05 -8.71
C VAL A 138 27.73 15.39 -8.73
N ASN A 139 27.01 16.49 -8.51
CA ASN A 139 27.53 17.85 -8.50
C ASN A 139 27.99 18.31 -9.90
N ALA A 140 27.43 17.72 -10.97
CA ALA A 140 27.80 18.07 -12.34
C ALA A 140 27.48 19.53 -12.68
N ARG A 141 26.38 20.06 -12.13
CA ARG A 141 26.01 21.47 -12.34
C ARG A 141 26.54 22.42 -11.24
N GLY A 142 27.37 21.90 -10.35
CA GLY A 142 27.96 22.64 -9.25
C GLY A 142 26.96 23.23 -8.26
N LEU A 143 25.86 22.51 -7.99
CA LEU A 143 24.81 22.99 -7.12
C LEU A 143 24.92 22.51 -5.70
N MET A 144 25.98 21.74 -5.36
CA MET A 144 26.20 21.33 -3.98
C MET A 144 26.25 22.58 -3.08
N ALA A 145 25.54 22.55 -1.95
CA ALA A 145 25.52 23.65 -1.02
C ALA A 145 25.35 23.14 0.39
N PHE A 146 26.29 23.43 1.27
CA PHE A 146 26.26 22.91 2.63
C PHE A 146 26.44 24.07 3.57
N GLU A 147 25.36 24.57 4.12
CA GLU A 147 25.42 25.72 5.00
C GLU A 147 25.97 25.27 6.34
N HIS A 148 27.19 25.67 6.69
CA HIS A 148 27.78 25.25 7.98
C HIS A 148 27.08 25.90 9.17
N GLN A 149 27.10 25.28 10.33
CA GLN A 149 26.51 25.84 11.55
C GLN A 149 27.34 27.04 12.06
N ARG A 150 26.77 28.23 12.03
CA ARG A 150 27.41 29.48 12.47
C ARG A 150 27.18 29.67 14.00
N ALA A 151 27.87 30.63 14.67
CA ALA A 151 27.69 30.86 16.12
C ALA A 151 26.20 31.10 16.47
N PRO A 152 25.55 30.25 17.31
CA PRO A 152 24.11 30.47 17.60
C PRO A 152 23.78 31.82 18.22
N ARG A 153 22.57 32.31 17.92
CA ARG A 153 22.03 33.58 18.41
C ARG A 153 20.71 33.29 19.12
N GLU A 154 20.61 36.66 3.67
CA GLU A 154 20.40 37.52 4.85
C GLU A 154 18.94 37.49 5.35
N PRO A 155 17.93 38.00 4.61
CA PRO A 155 16.55 37.99 5.13
C PRO A 155 16.01 36.60 5.47
N GLY A 156 15.59 36.41 6.71
CA GLY A 156 15.04 35.14 7.14
C GLY A 156 16.05 34.05 7.39
N ALA A 157 17.38 34.32 7.34
CA ALA A 157 18.41 33.30 7.61
C ALA A 157 18.40 32.86 9.08
N TRP A 158 18.14 33.79 10.01
CA TRP A 158 18.01 33.54 11.44
C TRP A 158 16.50 33.57 11.77
N GLU A 159 16.03 34.44 12.68
CA GLU A 159 14.59 34.53 13.01
C GLU A 159 13.78 34.75 11.74
N GLU A 160 12.66 34.06 11.62
CA GLU A 160 11.87 34.08 10.38
C GLU A 160 10.42 33.94 10.71
N THR A 161 9.56 34.79 10.14
CA THR A 161 8.13 34.72 10.44
C THR A 161 7.37 34.28 9.21
N PHE A 162 6.35 33.46 9.41
CA PHE A 162 5.44 33.02 8.37
C PHE A 162 4.08 33.32 8.95
N LYS A 163 3.39 34.29 8.34
CA LYS A 163 2.10 34.79 8.80
CA LYS A 163 2.10 34.79 8.80
C LYS A 163 2.30 35.37 10.21
N THR A 164 1.75 34.79 11.26
CA THR A 164 1.95 35.32 12.62
C THR A 164 2.92 34.44 13.42
N HIS A 165 3.51 33.38 12.80
CA HIS A 165 4.36 32.44 13.53
C HIS A 165 5.83 32.72 13.37
N SER A 166 6.51 33.05 14.46
CA SER A 166 7.91 33.39 14.45
C SER A 166 8.73 32.19 14.80
N ASP A 167 9.58 31.75 13.87
CA ASP A 167 10.51 30.65 14.09
C ASP A 167 11.76 31.31 14.63
N SER A 168 12.10 31.02 15.88
CA SER A 168 13.27 31.65 16.53
C SER A 168 14.62 31.20 15.97
N LYS A 169 14.62 30.08 15.23
CA LYS A 169 15.76 29.58 14.48
C LYS A 169 17.07 29.74 15.24
N PRO A 170 17.24 29.06 16.38
CA PRO A 170 18.46 29.28 17.19
C PRO A 170 19.76 28.95 16.51
N TYR A 171 19.73 28.01 15.54
CA TYR A 171 20.94 27.56 14.89
C TYR A 171 21.19 28.18 13.53
N GLY A 172 20.33 29.10 13.11
CA GLY A 172 20.47 29.81 11.85
C GLY A 172 20.42 28.95 10.59
N PRO A 173 21.07 29.41 9.51
CA PRO A 173 21.05 28.65 8.23
C PRO A 173 21.90 27.40 8.24
N THR A 174 21.29 26.24 8.02
CA THR A 174 22.01 24.96 8.06
C THR A 174 21.59 24.02 6.92
N SER A 175 21.04 24.56 5.81
CA SER A 175 20.53 23.71 4.76
C SER A 175 21.60 23.03 3.95
N VAL A 176 21.23 21.89 3.37
CA VAL A 176 22.15 21.06 2.56
C VAL A 176 21.47 20.77 1.24
N GLY A 177 22.23 20.63 0.19
CA GLY A 177 21.65 20.33 -1.09
C GLY A 177 22.69 19.84 -2.06
N LEU A 178 22.26 19.04 -3.01
CA LEU A 178 23.17 18.40 -3.99
C LEU A 178 22.39 18.03 -5.23
N ASP A 179 23.07 18.08 -6.40
CA ASP A 179 22.45 17.74 -7.67
C ASP A 179 23.00 16.46 -8.24
N PHE A 180 22.16 15.79 -9.06
CA PHE A 180 22.45 14.50 -9.72
C PHE A 180 22.06 14.63 -11.17
N SER A 181 22.86 14.03 -12.07
CA SER A 181 22.61 14.03 -13.51
C SER A 181 22.44 12.61 -13.94
N LEU A 182 21.38 12.36 -14.75
CA LEU A 182 20.98 11.05 -15.20
C LEU A 182 20.99 11.00 -16.75
N PRO A 183 22.16 10.83 -17.37
CA PRO A 183 22.21 10.76 -18.84
C PRO A 183 21.40 9.58 -19.41
N GLY A 184 20.65 9.85 -20.47
CA GLY A 184 19.80 8.85 -21.10
C GLY A 184 18.42 8.73 -20.48
N MET A 185 18.14 9.40 -19.34
CA MET A 185 16.84 9.35 -18.67
C MET A 185 16.03 10.57 -18.99
N GLU A 186 14.79 10.33 -19.45
CA GLU A 186 13.79 11.36 -19.73
C GLU A 186 12.56 11.19 -18.84
N HIS A 187 12.44 10.08 -18.09
CA HIS A 187 11.24 9.79 -17.32
C HIS A 187 11.64 9.49 -15.88
N VAL A 188 11.10 10.28 -14.95
CA VAL A 188 11.35 10.07 -13.53
C VAL A 188 10.02 10.03 -12.78
N TYR A 189 10.01 9.29 -11.66
CA TYR A 189 8.81 8.99 -10.89
C TYR A 189 9.11 8.99 -9.41
N GLY A 190 8.05 9.00 -8.58
CA GLY A 190 8.19 8.84 -7.14
C GLY A 190 8.00 10.11 -6.39
N ILE A 191 8.88 10.35 -5.39
CA ILE A 191 8.77 11.41 -4.42
C ILE A 191 7.32 11.75 -4.04
N PRO A 192 6.48 10.78 -3.65
CA PRO A 192 5.17 11.12 -3.11
C PRO A 192 5.26 11.85 -1.76
N GLU A 193 4.27 12.62 -1.36
CA GLU A 193 2.90 12.61 -1.89
C GLU A 193 2.50 13.93 -2.51
N HIS A 194 2.15 13.85 -3.81
CA HIS A 194 1.66 14.98 -4.58
C HIS A 194 0.44 14.52 -5.37
N ALA A 195 -0.55 15.38 -5.51
CA ALA A 195 -1.73 15.12 -6.35
C ALA A 195 -1.31 15.54 -7.77
N ASP A 196 -0.53 14.67 -8.40
CA ASP A 196 0.04 14.97 -9.69
C ASP A 196 0.30 13.73 -10.49
N SER A 197 0.80 13.93 -11.71
CA SER A 197 1.06 12.87 -12.66
C SER A 197 2.09 11.89 -12.16
N LEU A 198 1.96 10.66 -12.61
CA LEU A 198 2.90 9.58 -12.30
C LEU A 198 4.28 9.94 -12.83
N ARG A 199 4.36 10.32 -14.11
CA ARG A 199 5.64 10.78 -14.67
C ARG A 199 5.81 12.20 -14.16
N LEU A 200 6.87 12.46 -13.40
CA LEU A 200 7.07 13.78 -12.81
C LEU A 200 7.38 14.83 -13.87
N LYS A 201 6.95 16.06 -13.58
CA LYS A 201 7.18 17.19 -14.47
C LYS A 201 8.45 17.92 -14.13
N VAL A 202 8.98 18.62 -15.15
CA VAL A 202 10.10 19.52 -14.95
C VAL A 202 9.57 20.67 -14.09
N THR A 203 10.40 21.20 -13.17
CA THR A 203 9.97 22.22 -12.25
C THR A 203 10.57 23.61 -12.54
N GLU A 204 11.43 23.68 -13.56
CA GLU A 204 12.22 24.83 -14.05
C GLU A 204 11.50 26.18 -14.00
N GLY A 205 10.33 26.25 -14.61
CA GLY A 205 9.57 27.49 -14.66
C GLY A 205 8.51 27.69 -13.59
N GLY A 206 8.53 26.85 -12.55
CA GLY A 206 7.56 26.92 -11.47
C GLY A 206 8.17 26.55 -10.13
N GLU A 207 7.38 25.86 -9.31
CA GLU A 207 7.80 25.49 -7.99
C GLU A 207 8.51 24.14 -8.01
N PRO A 208 9.49 23.89 -7.13
CA PRO A 208 10.00 22.52 -7.02
C PRO A 208 8.95 21.63 -6.37
N TYR A 209 9.13 20.32 -6.44
CA TYR A 209 8.26 19.41 -5.69
C TYR A 209 8.64 19.60 -4.23
N ARG A 210 7.68 19.59 -3.33
CA ARG A 210 7.93 19.77 -1.90
C ARG A 210 7.62 18.49 -1.12
N LEU A 211 8.49 18.14 -0.20
CA LEU A 211 8.29 16.97 0.68
C LEU A 211 8.27 17.51 2.11
N TYR A 212 7.06 17.72 2.64
CA TYR A 212 6.89 18.23 4.00
C TYR A 212 5.51 17.83 4.43
N ASN A 213 5.40 16.84 5.33
CA ASN A 213 4.11 16.28 5.67
C ASN A 213 3.17 17.38 6.18
N LEU A 214 2.10 17.66 5.43
CA LEU A 214 1.18 18.76 5.76
C LEU A 214 -0.28 18.35 5.54
N ASP A 215 -1.16 18.90 6.37
CA ASP A 215 -2.60 18.70 6.29
C ASP A 215 -3.12 19.85 5.42
N VAL A 216 -3.44 19.54 4.15
CA VAL A 216 -3.86 20.53 3.14
C VAL A 216 -5.35 20.36 2.89
N PHE A 217 -6.16 21.25 3.48
CA PHE A 217 -7.62 21.25 3.38
C PHE A 217 -8.07 21.52 1.94
N GLN A 218 -8.92 20.63 1.41
CA GLN A 218 -9.44 20.72 0.04
C GLN A 218 -8.32 20.81 -0.99
N TYR A 219 -7.37 19.87 -0.89
CA TYR A 219 -6.26 19.94 -1.80
C TYR A 219 -6.73 19.82 -3.25
N GLU A 220 -6.00 20.48 -4.15
CA GLU A 220 -6.26 20.54 -5.57
C GLU A 220 -5.30 19.66 -6.35
N LEU A 221 -5.60 19.47 -7.63
CA LEU A 221 -4.86 18.52 -8.48
C LEU A 221 -3.87 19.15 -9.43
N ASN A 222 -2.95 18.32 -9.90
CA ASN A 222 -1.90 18.65 -10.84
C ASN A 222 -1.04 19.82 -10.39
N ASN A 223 -0.51 19.68 -9.18
CA ASN A 223 0.40 20.71 -8.67
C ASN A 223 1.39 20.08 -7.70
N PRO A 224 2.50 20.78 -7.43
CA PRO A 224 3.61 20.18 -6.64
C PRO A 224 3.56 20.49 -5.14
N MET A 225 2.41 20.96 -4.61
CA MET A 225 2.28 21.25 -3.19
C MET A 225 2.49 19.98 -2.35
N ALA A 226 3.16 20.11 -1.23
CA ALA A 226 3.36 18.97 -0.33
C ALA A 226 2.05 18.53 0.26
N LEU A 227 1.82 17.23 0.23
CA LEU A 227 0.66 16.64 0.87
C LEU A 227 1.11 15.91 2.17
N TYR A 228 0.35 14.91 2.61
CA TYR A 228 0.46 14.39 3.96
C TYR A 228 1.68 13.53 4.28
N GLY A 229 2.25 12.92 3.25
CA GLY A 229 3.39 12.03 3.40
C GLY A 229 4.50 12.40 2.45
N SER A 230 5.68 11.89 2.76
CA SER A 230 6.91 12.22 2.03
C SER A 230 7.76 11.00 1.94
N VAL A 231 8.06 10.51 0.74
CA VAL A 231 8.99 9.38 0.56
C VAL A 231 10.10 9.93 -0.36
N PRO A 232 11.30 10.21 0.16
CA PRO A 232 12.32 10.86 -0.66
C PRO A 232 13.08 9.86 -1.49
N VAL A 233 12.38 9.25 -2.43
CA VAL A 233 12.92 8.25 -3.32
C VAL A 233 12.46 8.62 -4.73
N LEU A 234 13.39 8.65 -5.68
CA LEU A 234 13.10 8.98 -7.06
C LEU A 234 13.60 7.85 -7.94
N LEU A 235 12.74 7.34 -8.85
CA LEU A 235 13.08 6.30 -9.81
C LEU A 235 13.22 6.93 -11.18
N ALA A 236 14.16 6.44 -11.96
CA ALA A 236 14.38 6.88 -13.33
C ALA A 236 14.34 5.65 -14.23
N HIS A 237 13.57 5.74 -15.32
CA HIS A 237 13.41 4.64 -16.24
C HIS A 237 13.74 5.05 -17.68
N SER A 238 14.47 4.18 -18.38
CA SER A 238 14.65 4.28 -19.83
C SER A 238 14.53 2.88 -20.39
N PHE A 239 14.57 2.79 -21.71
CA PHE A 239 14.58 1.52 -22.42
C PHE A 239 15.77 0.69 -21.97
N HIS A 240 16.91 1.35 -21.69
CA HIS A 240 18.16 0.66 -21.37
C HIS A 240 18.39 0.33 -19.91
N ARG A 241 17.82 1.09 -18.97
CA ARG A 241 18.18 0.87 -17.58
C ARG A 241 17.20 1.54 -16.65
N ASP A 242 17.23 1.10 -15.40
CA ASP A 242 16.52 1.69 -14.27
C ASP A 242 17.52 2.08 -13.20
N LEU A 243 17.25 3.20 -12.54
CA LEU A 243 18.06 3.74 -11.45
C LEU A 243 17.16 4.30 -10.40
N GLY A 244 17.66 4.36 -9.17
CA GLY A 244 16.94 4.99 -8.08
C GLY A 244 17.82 5.89 -7.23
N ILE A 245 17.27 6.95 -6.67
CA ILE A 245 17.99 7.86 -5.76
C ILE A 245 17.16 7.93 -4.49
N PHE A 246 17.76 7.58 -3.32
CA PHE A 246 17.07 7.64 -2.03
C PHE A 246 17.83 8.65 -1.17
N TRP A 247 17.19 9.80 -0.93
CA TRP A 247 17.78 10.93 -0.19
C TRP A 247 17.30 10.82 1.27
N LEU A 248 18.14 10.21 2.14
CA LEU A 248 17.74 9.93 3.52
C LEU A 248 17.89 11.16 4.39
N ASN A 249 16.85 11.97 4.41
CA ASN A 249 16.80 13.20 5.18
C ASN A 249 15.36 13.38 5.60
N ALA A 250 15.15 13.70 6.88
CA ALA A 250 13.80 13.85 7.46
C ALA A 250 13.29 15.28 7.56
N ALA A 251 14.11 16.26 7.15
CA ALA A 251 13.76 17.67 7.18
C ALA A 251 12.97 18.06 5.90
N GLU A 252 12.33 19.22 5.93
CA GLU A 252 11.64 19.77 4.78
C GLU A 252 12.59 19.69 3.62
N THR A 253 12.13 19.17 2.51
CA THR A 253 12.95 18.96 1.32
C THR A 253 12.22 19.40 0.08
N TRP A 254 12.93 20.09 -0.78
CA TRP A 254 12.43 20.56 -2.06
C TRP A 254 13.24 19.85 -3.13
N VAL A 255 12.56 19.45 -4.22
CA VAL A 255 13.17 18.70 -5.32
C VAL A 255 12.93 19.38 -6.65
N ASP A 256 14.00 19.77 -7.33
CA ASP A 256 13.93 20.42 -8.65
C ASP A 256 14.31 19.38 -9.72
N ILE A 257 13.54 19.35 -10.80
CA ILE A 257 13.70 18.39 -11.87
C ILE A 257 13.84 19.21 -13.15
N SER A 258 14.87 18.92 -13.92
CA SER A 258 15.11 19.66 -15.18
C SER A 258 15.57 18.71 -16.25
N SER A 259 15.26 19.05 -17.50
CA SER A 259 15.59 18.25 -18.66
C SER A 259 16.58 18.96 -19.56
N ASN A 260 17.24 18.19 -20.44
CA ASN A 260 18.22 18.66 -21.41
C ASN A 260 18.05 17.83 -22.69
N THR A 261 22.18 12.14 -25.83
CA THR A 261 21.94 13.49 -25.34
C THR A 261 20.76 13.65 -24.36
N PRO A 262 19.64 12.89 -24.40
CA PRO A 262 18.56 13.14 -23.42
C PRO A 262 19.05 12.94 -21.99
N GLN A 263 18.69 13.84 -21.07
CA GLN A 263 19.20 13.80 -19.71
C GLN A 263 18.27 14.54 -18.77
N THR A 264 18.11 13.97 -17.56
CA THR A 264 17.30 14.58 -16.51
C THR A 264 18.22 14.85 -15.33
N ASP A 265 18.14 16.05 -14.79
CA ASP A 265 18.94 16.47 -13.63
C ASP A 265 18.00 16.66 -12.46
N ILE A 266 18.43 16.25 -11.26
CA ILE A 266 17.60 16.27 -10.06
C ILE A 266 18.40 17.01 -8.99
N ARG A 267 17.76 17.93 -8.29
CA ARG A 267 18.40 18.62 -7.19
C ARG A 267 17.57 18.46 -5.93
N TRP A 268 18.21 18.10 -4.84
CA TRP A 268 17.53 17.93 -3.54
C TRP A 268 18.03 19.01 -2.61
N MET A 269 17.13 19.67 -1.88
CA MET A 269 17.48 20.77 -0.99
C MET A 269 16.75 20.56 0.33
N SER A 270 17.50 20.31 1.41
CA SER A 270 16.91 19.98 2.72
C SER A 270 17.26 21.00 3.81
N GLU A 271 16.35 21.24 4.74
CA GLU A 271 16.58 22.29 5.74
C GLU A 271 17.74 22.07 6.68
N SER A 272 17.97 20.82 7.09
CA SER A 272 18.95 20.47 8.10
C SER A 272 19.42 19.04 7.89
N GLY A 273 20.17 18.50 8.84
CA GLY A 273 20.74 17.16 8.76
C GLY A 273 21.97 17.11 7.90
N ILE A 274 22.36 15.92 7.51
CA ILE A 274 23.53 15.69 6.64
C ILE A 274 23.06 15.38 5.25
N ILE A 275 23.99 15.27 4.33
CA ILE A 275 23.71 14.74 3.01
C ILE A 275 23.93 13.25 3.20
N ASP A 276 22.88 12.44 2.97
CA ASP A 276 22.97 11.00 3.06
C ASP A 276 22.12 10.48 1.91
N VAL A 277 22.78 9.95 0.89
CA VAL A 277 22.08 9.53 -0.32
C VAL A 277 22.54 8.17 -0.78
N PHE A 278 21.56 7.35 -1.18
CA PHE A 278 21.83 6.05 -1.75
C PHE A 278 21.52 6.08 -3.24
N LEU A 279 22.46 5.59 -4.04
CA LEU A 279 22.31 5.47 -5.48
C LEU A 279 22.13 4.01 -5.75
N MET A 280 20.97 3.66 -6.29
CA MET A 280 20.53 2.29 -6.52
C MET A 280 20.63 2.06 -8.00
N LEU A 281 21.65 1.29 -8.43
CA LEU A 281 22.01 1.26 -9.84
C LEU A 281 21.33 0.19 -10.69
N GLY A 282 20.35 -0.50 -10.13
CA GLY A 282 19.60 -1.46 -10.92
C GLY A 282 20.47 -2.64 -11.34
N PRO A 283 20.51 -3.04 -12.62
CA PRO A 283 20.00 -2.36 -13.82
C PRO A 283 18.51 -2.47 -14.16
N SER A 284 17.78 -3.46 -13.64
CA SER A 284 16.35 -3.57 -13.94
C SER A 284 15.54 -2.88 -12.84
N VAL A 285 14.27 -2.62 -13.12
CA VAL A 285 13.45 -1.96 -12.09
C VAL A 285 13.23 -2.87 -10.90
N PHE A 286 13.14 -4.17 -11.15
CA PHE A 286 13.06 -5.15 -10.05
C PHE A 286 14.32 -5.16 -9.18
N ASP A 287 15.50 -4.98 -9.81
CA ASP A 287 16.74 -4.86 -9.06
C ASP A 287 16.68 -3.62 -8.16
N VAL A 288 16.14 -2.49 -8.67
CA VAL A 288 15.97 -1.27 -7.86
C VAL A 288 15.00 -1.54 -6.71
N PHE A 289 13.88 -2.24 -6.97
CA PHE A 289 12.96 -2.55 -5.87
C PHE A 289 13.67 -3.37 -4.78
N ARG A 290 14.46 -4.39 -5.17
CA ARG A 290 15.16 -5.23 -4.20
C ARG A 290 16.17 -4.43 -3.42
N GLN A 291 16.88 -3.55 -4.13
CA GLN A 291 17.87 -2.66 -3.53
C GLN A 291 17.28 -1.78 -2.47
N TYR A 292 16.20 -1.08 -2.80
CA TYR A 292 15.52 -0.23 -1.82
C TYR A 292 14.93 -1.04 -0.65
N ALA A 293 14.36 -2.21 -0.93
CA ALA A 293 13.79 -3.09 0.11
C ALA A 293 14.89 -3.57 1.06
N SER A 294 16.13 -3.79 0.57
CA SER A 294 17.23 -4.18 1.43
C SER A 294 17.54 -3.07 2.42
N LEU A 295 17.29 -1.80 2.04
CA LEU A 295 17.56 -0.67 2.91
C LEU A 295 16.45 -0.41 3.89
N THR A 296 15.20 -0.31 3.44
CA THR A 296 14.07 0.13 4.30
C THR A 296 13.01 -0.92 4.62
N GLY A 297 13.23 -2.15 4.19
CA GLY A 297 12.30 -3.23 4.46
C GLY A 297 11.18 -3.35 3.46
N THR A 298 10.26 -4.25 3.72
CA THR A 298 9.19 -4.57 2.76
C THR A 298 7.84 -4.36 3.41
N GLN A 299 6.82 -4.32 2.57
CA GLN A 299 5.45 -4.19 2.98
C GLN A 299 5.07 -5.25 4.04
N ALA A 300 4.50 -4.80 5.15
CA ALA A 300 3.97 -5.71 6.19
C ALA A 300 2.84 -6.52 5.57
N LEU A 301 2.74 -7.82 5.89
CA LEU A 301 1.73 -8.67 5.29
C LEU A 301 0.39 -8.35 5.93
N PRO A 302 -0.54 -7.77 5.16
CA PRO A 302 -1.83 -7.41 5.78
C PRO A 302 -2.55 -8.62 6.28
N PRO A 303 -3.25 -8.54 7.40
CA PRO A 303 -4.21 -9.62 7.72
C PRO A 303 -5.23 -9.64 6.59
N LEU A 304 -5.72 -10.81 6.27
CA LEU A 304 -6.60 -10.98 5.11
C LEU A 304 -7.81 -10.05 5.14
N PHE A 305 -8.44 -9.87 6.29
CA PHE A 305 -9.66 -9.07 6.35
C PHE A 305 -9.44 -7.65 5.84
N SER A 306 -8.22 -7.10 6.04
CA SER A 306 -7.90 -5.71 5.67
C SER A 306 -7.80 -5.49 4.18
N LEU A 307 -7.77 -6.59 3.42
CA LEU A 307 -7.83 -6.57 1.96
C LEU A 307 -9.29 -6.69 1.44
N GLY A 308 -10.28 -6.84 2.34
CA GLY A 308 -11.68 -6.80 1.97
C GLY A 308 -12.14 -5.36 1.81
N TYR A 309 -13.43 -5.17 1.84
CA TYR A 309 -14.05 -3.85 1.71
C TYR A 309 -14.30 -3.28 3.12
N HIS A 310 -14.00 -1.97 3.26
CA HIS A 310 -14.14 -1.19 4.47
C HIS A 310 -15.20 -0.10 4.24
N GLN A 311 -16.14 0.02 5.17
CA GLN A 311 -17.20 1.01 5.12
C GLN A 311 -17.00 2.02 6.24
N SER A 312 -16.85 3.26 5.86
CA SER A 312 -16.60 4.35 6.79
C SER A 312 -17.36 5.62 6.40
N ARG A 313 -17.47 6.50 7.38
CA ARG A 313 -17.87 7.89 7.23
C ARG A 313 -17.56 8.65 8.52
N TRP A 314 -17.56 9.96 8.44
CA TRP A 314 -17.47 10.85 9.60
C TRP A 314 -18.93 11.29 9.75
N ASN A 315 -19.74 10.69 10.61
CA ASN A 315 -19.52 9.61 11.52
C ASN A 315 -20.76 8.79 11.54
N TYR A 316 -20.63 7.52 11.85
CA TYR A 316 -21.76 6.69 12.20
C TYR A 316 -22.18 7.20 13.59
N ARG A 317 -23.46 7.36 13.80
CA ARG A 317 -23.96 8.07 14.99
C ARG A 317 -23.77 7.41 16.31
N ASP A 318 -24.01 6.11 16.36
CA ASP A 318 -24.01 5.35 17.59
C ASP A 318 -24.02 3.85 17.28
N GLU A 319 -24.14 3.04 18.33
CA GLU A 319 -24.12 1.59 18.17
C GLU A 319 -25.25 1.12 17.30
N ALA A 320 -26.46 1.70 17.46
CA ALA A 320 -27.58 1.28 16.63
C ALA A 320 -27.29 1.57 15.15
N ASP A 321 -26.65 2.72 14.82
CA ASP A 321 -26.32 3.02 13.43
C ASP A 321 -25.29 1.99 12.88
N VAL A 322 -24.26 1.68 13.65
CA VAL A 322 -23.25 0.68 13.23
C VAL A 322 -23.94 -0.66 12.97
N LEU A 323 -24.81 -1.09 13.89
CA LEU A 323 -25.52 -2.36 13.73
C LEU A 323 -26.50 -2.33 12.53
N GLU A 324 -27.10 -1.17 12.22
CA GLU A 324 -27.98 -1.06 11.06
C GLU A 324 -27.19 -1.15 9.77
N VAL A 325 -25.99 -0.55 9.77
CA VAL A 325 -25.09 -0.58 8.59
C VAL A 325 -24.65 -2.04 8.37
N ASP A 326 -24.23 -2.71 9.42
CA ASP A 326 -23.87 -4.13 9.37
C ASP A 326 -25.00 -4.96 8.75
N GLN A 327 -26.21 -4.75 9.27
CA GLN A 327 -27.37 -5.50 8.78
C GLN A 327 -27.75 -5.14 7.35
N GLY A 328 -27.51 -3.88 6.95
CA GLY A 328 -27.77 -3.41 5.60
C GLY A 328 -26.95 -4.15 4.57
N PHE A 329 -25.65 -4.41 4.87
CA PHE A 329 -24.82 -5.19 3.93
C PHE A 329 -25.43 -6.58 3.74
N ASP A 330 -25.86 -7.22 4.82
CA ASP A 330 -26.40 -8.55 4.74
C ASP A 330 -27.77 -8.59 4.08
N ASP A 331 -28.65 -7.62 4.37
CA ASP A 331 -29.97 -7.59 3.74
C ASP A 331 -29.89 -7.32 2.25
N HIS A 332 -28.81 -6.67 1.77
CA HIS A 332 -28.62 -6.36 0.36
C HIS A 332 -27.53 -7.22 -0.32
N ASN A 333 -27.09 -8.27 0.34
CA ASN A 333 -26.11 -9.22 -0.21
C ASN A 333 -24.92 -8.48 -0.80
N MET A 334 -24.31 -7.68 0.04
CA MET A 334 -23.08 -6.94 -0.32
C MET A 334 -22.03 -7.28 0.73
N PRO A 335 -20.86 -7.79 0.32
CA PRO A 335 -19.87 -8.16 1.34
C PRO A 335 -19.17 -6.94 1.91
N CYS A 336 -18.69 -7.08 3.14
CA CYS A 336 -17.98 -5.99 3.84
C CYS A 336 -17.24 -6.60 5.02
N ASP A 337 -15.95 -6.27 5.21
CA ASP A 337 -15.23 -6.86 6.32
C ASP A 337 -15.18 -5.95 7.55
N VAL A 338 -15.19 -4.62 7.36
CA VAL A 338 -14.94 -3.73 8.48
C VAL A 338 -15.83 -2.51 8.41
N ILE A 339 -16.29 -2.07 9.58
CA ILE A 339 -17.02 -0.81 9.77
C ILE A 339 -16.16 0.12 10.62
N TRP A 340 -16.04 1.41 10.21
CA TRP A 340 -15.12 2.36 10.81
C TRP A 340 -15.80 3.42 11.66
N LEU A 341 -15.16 3.80 12.77
CA LEU A 341 -15.63 4.82 13.72
C LEU A 341 -14.66 5.99 13.73
N ASP A 342 -15.11 7.11 13.22
CA ASP A 342 -14.37 8.36 13.16
C ASP A 342 -14.44 9.08 14.54
N ILE A 343 -13.94 10.29 14.61
CA ILE A 343 -13.69 11.00 15.86
C ILE A 343 -14.89 11.20 16.75
N GLU A 344 -16.12 11.15 16.21
CA GLU A 344 -17.29 11.34 17.08
C GLU A 344 -17.55 10.15 17.99
N HIS A 345 -16.86 9.00 17.80
CA HIS A 345 -17.10 7.88 18.69
C HIS A 345 -16.53 8.04 20.08
N ALA A 346 -15.52 8.90 20.24
CA ALA A 346 -14.81 9.08 21.50
C ALA A 346 -15.56 10.04 22.42
N ASP A 347 -15.13 10.14 23.66
CA ASP A 347 -15.68 11.16 24.58
C ASP A 347 -15.04 12.52 24.27
N GLY A 348 -15.71 13.37 23.50
CA GLY A 348 -15.18 14.69 23.16
C GLY A 348 -13.75 14.69 22.61
N LYS A 349 -13.46 13.70 21.74
CA LYS A 349 -12.16 13.57 21.06
C LYS A 349 -11.00 13.35 22.02
N ARG A 350 -11.28 12.65 23.11
CA ARG A 350 -10.28 12.12 24.02
C ARG A 350 -10.05 10.73 23.44
N TYR A 351 -8.89 10.46 22.84
CA TYR A 351 -8.73 9.14 22.23
C TYR A 351 -8.58 8.05 23.29
N PHE A 352 -8.91 6.83 22.89
CA PHE A 352 -8.97 5.66 23.76
C PHE A 352 -10.18 5.69 24.68
N THR A 353 -11.20 6.50 24.37
CA THR A 353 -12.43 6.58 25.17
C THR A 353 -13.62 6.38 24.26
N TRP A 354 -14.81 6.29 24.87
CA TRP A 354 -16.03 6.07 24.13
C TRP A 354 -17.08 7.08 24.58
N ASP A 355 -17.80 7.65 23.65
CA ASP A 355 -18.93 8.55 24.03
C ASP A 355 -19.95 7.68 24.78
N PRO A 356 -20.30 8.09 26.03
CA PRO A 356 -21.19 7.25 26.85
C PRO A 356 -22.65 7.22 26.42
N THR A 357 -23.07 8.11 25.51
CA THR A 357 -24.42 8.06 24.95
C THR A 357 -24.41 7.26 23.66
N ARG A 358 -23.44 7.53 22.79
CA ARG A 358 -23.34 6.90 21.45
C ARG A 358 -22.87 5.48 21.50
N PHE A 359 -21.84 5.22 22.32
CA PHE A 359 -21.21 3.91 22.46
C PHE A 359 -21.10 3.51 23.92
N PRO A 360 -22.25 3.27 24.61
CA PRO A 360 -22.18 2.89 26.04
C PRO A 360 -21.66 1.48 26.30
N GLN A 361 -21.75 0.59 25.31
CA GLN A 361 -21.37 -0.82 25.47
C GLN A 361 -20.53 -1.27 24.30
N PRO A 362 -19.30 -0.71 24.14
CA PRO A 362 -18.46 -1.09 22.99
C PRO A 362 -18.16 -2.58 22.91
N LEU A 363 -17.94 -3.26 24.03
CA LEU A 363 -17.64 -4.71 23.93
C LEU A 363 -18.82 -5.49 23.33
N ASN A 364 -20.03 -5.06 23.65
CA ASN A 364 -21.25 -5.68 23.10
C ASN A 364 -21.37 -5.43 21.61
N MET A 365 -21.05 -4.20 21.18
CA MET A 365 -21.08 -3.88 19.77
C MET A 365 -20.03 -4.74 19.03
N LEU A 366 -18.82 -4.85 19.59
CA LEU A 366 -17.75 -5.66 19.00
C LEU A 366 -18.11 -7.14 18.97
N GLU A 367 -18.78 -7.63 20.00
CA GLU A 367 -19.23 -9.03 20.03
C GLU A 367 -20.27 -9.25 18.91
N HIS A 368 -21.19 -8.30 18.69
CA HIS A 368 -22.18 -8.40 17.62
CA HIS A 368 -22.19 -8.40 17.62
C HIS A 368 -21.46 -8.47 16.26
N LEU A 369 -20.49 -7.58 16.03
CA LEU A 369 -19.74 -7.62 14.77
C LEU A 369 -18.98 -8.94 14.66
N ALA A 370 -18.41 -9.45 15.75
CA ALA A 370 -17.70 -10.73 15.72
C ALA A 370 -18.64 -11.91 15.37
N SER A 371 -19.92 -11.83 15.77
CA SER A 371 -20.89 -12.88 15.41
C SER A 371 -21.16 -12.92 13.90
N LYS A 372 -20.95 -11.80 13.22
CA LYS A 372 -21.09 -11.62 11.78
C LYS A 372 -19.72 -11.84 11.07
N ARG A 373 -18.69 -12.16 11.83
CA ARG A 373 -17.32 -12.36 11.35
C ARG A 373 -16.78 -11.09 10.68
N ARG A 374 -17.04 -9.95 11.34
CA ARG A 374 -16.60 -8.64 10.90
C ARG A 374 -15.76 -7.99 11.99
N LYS A 375 -15.08 -6.91 11.60
CA LYS A 375 -14.18 -6.15 12.43
C LYS A 375 -14.66 -4.72 12.48
N LEU A 376 -14.09 -3.95 13.41
CA LEU A 376 -14.32 -2.52 13.50
C LEU A 376 -12.97 -1.85 13.54
N VAL A 377 -12.90 -0.61 13.07
CA VAL A 377 -11.67 0.19 13.15
C VAL A 377 -12.05 1.45 13.91
N ALA A 378 -11.25 1.84 14.91
CA ALA A 378 -11.50 3.09 15.65
C ALA A 378 -10.36 4.06 15.39
N ILE A 379 -10.68 5.32 15.22
CA ILE A 379 -9.67 6.37 15.05
C ILE A 379 -8.97 6.68 16.39
N VAL A 380 -7.64 6.81 16.32
CA VAL A 380 -6.76 7.19 17.43
C VAL A 380 -5.74 8.15 16.84
N ASP A 381 -5.91 9.45 17.10
CA ASP A 381 -4.99 10.48 16.56
C ASP A 381 -3.92 10.82 17.62
N PRO A 382 -2.76 11.35 17.17
CA PRO A 382 -1.65 11.68 18.10
C PRO A 382 -1.72 13.08 18.75
N HIS A 383 -2.88 13.55 19.05
CA HIS A 383 -3.04 14.82 19.79
C HIS A 383 -3.92 14.46 20.97
N ILE A 384 -3.58 14.97 22.13
CA ILE A 384 -4.17 14.58 23.39
C ILE A 384 -4.79 15.80 24.04
N LYS A 385 -6.10 15.70 24.30
CA LYS A 385 -6.82 16.82 24.92
C LYS A 385 -6.13 17.23 26.24
N VAL A 386 -5.91 18.56 26.42
CA VAL A 386 -5.38 19.07 27.70
C VAL A 386 -6.57 19.07 28.66
N ASP A 387 -6.64 18.09 29.53
CA ASP A 387 -7.74 17.89 30.46
C ASP A 387 -7.24 17.11 31.65
N SER A 388 -7.29 17.71 32.87
CA SER A 388 -6.77 17.03 34.06
C SER A 388 -7.57 15.77 34.42
N GLY A 389 -8.80 15.66 33.92
CA GLY A 389 -9.59 14.48 34.17
C GLY A 389 -9.34 13.33 33.20
N TYR A 390 -8.53 13.58 32.17
CA TYR A 390 -8.23 12.58 31.12
C TYR A 390 -6.93 11.87 31.45
N ARG A 391 -7.01 10.57 31.75
CA ARG A 391 -5.87 9.79 32.23
C ARG A 391 -4.70 9.80 31.29
N VAL A 392 -4.96 9.76 30.00
CA VAL A 392 -3.89 9.74 29.01
C VAL A 392 -3.10 11.05 29.13
N HIS A 393 -3.78 12.19 29.21
CA HIS A 393 -3.12 13.47 29.34
C HIS A 393 -2.33 13.54 30.63
N GLU A 394 -2.95 13.13 31.74
CA GLU A 394 -2.28 13.17 33.04
C GLU A 394 -1.01 12.34 33.04
N GLU A 395 -1.05 11.16 32.46
CA GLU A 395 0.14 10.30 32.41
C GLU A 395 1.25 10.91 31.52
N LEU A 396 0.88 11.37 30.32
CA LEU A 396 1.90 11.97 29.45
C LEU A 396 2.51 13.25 30.04
N ARG A 397 1.68 14.08 30.67
CA ARG A 397 2.13 15.29 31.32
C ARG A 397 3.07 14.92 32.48
N ASN A 398 2.66 13.95 33.31
CA ASN A 398 3.45 13.58 34.50
C ASN A 398 4.77 12.92 34.17
N HIS A 399 4.85 12.26 33.01
CA HIS A 399 6.10 11.62 32.55
C HIS A 399 6.94 12.46 31.57
N GLY A 400 6.55 13.71 31.34
CA GLY A 400 7.24 14.65 30.47
C GLY A 400 7.35 14.15 29.03
N LEU A 401 6.33 13.44 28.54
CA LEU A 401 6.44 12.81 27.19
C LEU A 401 5.88 13.63 26.04
N TYR A 402 5.54 14.89 26.27
CA TYR A 402 5.06 15.76 25.23
C TYR A 402 6.18 16.50 24.56
N VAL A 403 5.92 16.91 23.33
CA VAL A 403 6.80 17.81 22.61
C VAL A 403 6.78 19.12 23.40
N LYS A 404 7.94 19.76 23.54
CA LYS A 404 8.10 20.99 24.29
C LYS A 404 8.42 22.21 23.41
N THR A 405 8.18 23.40 23.93
CA THR A 405 8.63 24.61 23.24
C THR A 405 10.05 24.85 23.78
N ARG A 406 10.78 25.81 23.23
CA ARG A 406 12.14 26.15 23.73
C ARG A 406 12.23 26.52 25.20
N ASP A 407 11.21 27.19 25.74
CA ASP A 407 11.19 27.56 27.15
C ASP A 407 10.98 26.35 28.11
N GLY A 408 10.84 25.13 27.55
CA GLY A 408 10.67 23.91 28.33
C GLY A 408 9.24 23.56 28.69
N SER A 409 8.25 24.37 28.32
CA SER A 409 6.87 24.05 28.66
C SER A 409 6.30 23.11 27.58
N ASP A 410 5.30 22.30 27.94
CA ASP A 410 4.63 21.40 26.98
C ASP A 410 3.94 22.24 25.92
N TYR A 411 4.18 21.92 24.64
CA TYR A 411 3.55 22.67 23.55
C TYR A 411 2.04 22.43 23.60
N GLU A 412 1.26 23.49 23.52
CA GLU A 412 -0.18 23.36 23.43
C GLU A 412 -0.66 24.04 22.15
N GLY A 413 -1.40 23.30 21.33
CA GLY A 413 -1.98 23.85 20.11
C GLY A 413 -3.46 23.57 20.08
N TRP A 414 -4.14 23.91 18.98
CA TRP A 414 -5.56 23.65 18.81
CA TRP A 414 -5.57 23.60 18.85
C TRP A 414 -5.79 22.51 17.80
N CYS A 415 -6.61 21.50 18.13
CA CYS A 415 -6.95 20.43 17.17
C CYS A 415 -8.40 19.98 17.45
N TRP A 416 -8.80 18.74 17.10
CA TRP A 416 -10.21 18.34 17.31
C TRP A 416 -10.74 18.48 18.75
N PRO A 417 -9.95 18.12 19.78
CA PRO A 417 -10.44 18.27 21.15
C PRO A 417 -10.22 19.66 21.73
N GLY A 418 -9.94 20.67 20.91
CA GLY A 418 -9.65 22.02 21.34
C GLY A 418 -8.17 22.08 21.73
N SER A 419 -7.87 22.57 22.94
CA SER A 419 -6.48 22.62 23.43
CA SER A 419 -6.47 22.64 23.38
C SER A 419 -5.93 21.21 23.55
N ALA A 420 -4.81 20.96 22.91
CA ALA A 420 -4.21 19.63 22.87
C ALA A 420 -2.71 19.70 22.86
N SER A 421 -2.10 18.65 23.42
CA SER A 421 -0.64 18.50 23.40
C SER A 421 -0.28 17.33 22.50
N TYR A 422 1.00 17.30 22.08
CA TYR A 422 1.51 16.38 21.09
C TYR A 422 2.57 15.48 21.67
N PRO A 423 2.25 14.19 21.84
CA PRO A 423 3.27 13.29 22.37
C PRO A 423 4.51 13.27 21.49
N ASP A 424 5.68 13.13 22.10
CA ASP A 424 6.88 13.11 21.32
C ASP A 424 7.15 11.69 20.86
N PHE A 425 6.58 11.32 19.68
CA PHE A 425 6.75 9.98 19.15
C PHE A 425 8.17 9.66 18.72
N THR A 426 9.07 10.66 18.67
CA THR A 426 10.48 10.38 18.36
C THR A 426 11.18 9.76 19.59
N ASN A 427 10.60 9.89 20.77
CA ASN A 427 11.17 9.35 22.02
C ASN A 427 10.81 7.88 22.11
N PRO A 428 11.79 6.96 22.13
CA PRO A 428 11.44 5.52 22.20
C PRO A 428 10.60 5.11 23.40
N ARG A 429 10.70 5.87 24.52
CA ARG A 429 9.89 5.56 25.70
C ARG A 429 8.44 5.98 25.45
N MET A 430 8.21 7.06 24.71
CA MET A 430 6.85 7.47 24.37
CA MET A 430 6.88 7.49 24.40
C MET A 430 6.19 6.42 23.50
N ARG A 431 6.92 5.86 22.53
CA ARG A 431 6.40 4.82 21.65
C ARG A 431 6.05 3.58 22.46
N ALA A 432 6.90 3.20 23.44
CA ALA A 432 6.63 2.05 24.31
C ALA A 432 5.33 2.28 25.13
N TRP A 433 5.17 3.50 25.66
CA TRP A 433 3.99 3.89 26.42
C TRP A 433 2.73 3.78 25.55
N TRP A 434 2.83 4.29 24.34
CA TRP A 434 1.72 4.28 23.34
C TRP A 434 1.34 2.84 23.03
N SER A 435 2.31 2.00 22.73
CA SER A 435 2.02 0.61 22.42
CA SER A 435 2.06 0.59 22.44
C SER A 435 1.32 -0.06 23.61
N ASN A 436 1.80 0.17 24.82
CA ASN A 436 1.20 -0.42 25.99
C ASN A 436 -0.24 0.04 26.22
N MET A 437 -0.62 1.26 25.75
CA MET A 437 -1.98 1.80 25.88
C MET A 437 -2.99 0.99 25.09
N PHE A 438 -2.54 0.18 24.12
CA PHE A 438 -3.43 -0.68 23.34
C PHE A 438 -3.70 -2.02 24.01
N SER A 439 -3.14 -2.30 25.22
CA SER A 439 -3.51 -3.55 25.91
C SER A 439 -5.00 -3.55 26.14
N PHE A 440 -5.62 -4.74 26.19
CA PHE A 440 -7.06 -4.80 26.44
C PHE A 440 -7.44 -4.27 27.82
N ASP A 441 -6.51 -4.29 28.78
CA ASP A 441 -6.72 -3.74 30.13
C ASP A 441 -6.69 -2.21 30.14
N ASN A 442 -5.81 -1.59 29.34
CA ASN A 442 -5.69 -0.14 29.27
C ASN A 442 -6.70 0.50 28.38
N TYR A 443 -6.90 -0.06 27.20
CA TYR A 443 -7.88 0.49 26.26
C TYR A 443 -9.19 -0.24 26.52
N GLU A 444 -9.92 0.24 27.53
CA GLU A 444 -11.18 -0.38 27.96
C GLU A 444 -12.21 -0.28 26.84
N GLY A 445 -12.86 -1.40 26.56
CA GLY A 445 -13.86 -1.46 25.50
C GLY A 445 -13.31 -1.97 24.19
N SER A 446 -12.00 -2.19 24.10
CA SER A 446 -11.39 -2.78 22.92
C SER A 446 -11.41 -4.30 23.01
N ALA A 447 -11.28 -4.92 21.85
CA ALA A 447 -11.33 -6.37 21.71
C ALA A 447 -10.49 -6.78 20.49
N PRO A 448 -10.22 -8.08 20.32
CA PRO A 448 -9.35 -8.50 19.20
C PRO A 448 -9.84 -8.19 17.80
N ASN A 449 -11.15 -7.87 17.62
CA ASN A 449 -11.66 -7.48 16.31
C ASN A 449 -11.74 -5.96 16.14
N LEU A 450 -11.03 -5.19 17.01
CA LEU A 450 -10.94 -3.73 16.91
CA LEU A 450 -10.93 -3.74 16.92
C LEU A 450 -9.54 -3.39 16.42
N TYR A 451 -9.44 -2.70 15.29
CA TYR A 451 -8.17 -2.25 14.70
C TYR A 451 -8.17 -0.72 14.69
N VAL A 452 -7.10 -0.08 14.16
CA VAL A 452 -6.87 1.33 14.39
C VAL A 452 -6.53 2.13 13.16
N TRP A 453 -6.95 3.38 13.19
CA TRP A 453 -6.69 4.37 12.16
C TRP A 453 -5.98 5.56 12.82
N ASN A 454 -4.77 5.92 12.34
CA ASN A 454 -3.99 7.08 12.79
C ASN A 454 -4.15 8.17 11.77
N ASP A 455 -4.90 9.22 12.12
CA ASP A 455 -5.08 10.35 11.23
C ASP A 455 -4.36 11.56 11.87
N MET A 456 -4.21 12.64 11.11
CA MET A 456 -3.72 13.91 11.62
C MET A 456 -2.29 13.80 12.16
N ASN A 457 -1.51 12.84 11.66
CA ASN A 457 -0.20 12.55 12.24
C ASN A 457 0.96 13.17 11.48
N GLU A 458 0.70 14.29 10.80
CA GLU A 458 1.75 15.05 10.15
C GLU A 458 2.78 15.66 11.13
N PRO A 459 2.44 16.27 12.29
CA PRO A 459 1.13 16.39 12.94
C PRO A 459 0.33 17.58 12.45
N SER A 460 -0.97 17.44 12.40
CA SER A 460 -1.87 18.55 12.14
C SER A 460 -2.07 19.35 13.45
N VAL A 461 -1.90 20.67 13.38
CA VAL A 461 -2.02 21.63 14.48
C VAL A 461 -2.82 22.80 13.91
N PHE A 462 -4.09 23.00 14.27
CA PHE A 462 -4.94 23.95 13.57
C PHE A 462 -4.47 25.40 13.61
N ASN A 463 -3.84 25.79 14.69
CA ASN A 463 -3.32 27.15 14.83
C ASN A 463 -1.80 27.23 14.58
N GLY A 464 -1.22 26.19 13.97
CA GLY A 464 0.22 26.18 13.76
C GLY A 464 0.58 26.71 12.39
N PRO A 465 1.86 27.02 12.14
CA PRO A 465 2.25 27.50 10.81
C PRO A 465 2.07 26.39 9.79
N GLU A 466 1.35 26.65 8.70
CA GLU A 466 1.05 25.64 7.68
C GLU A 466 0.29 24.47 8.29
N VAL A 467 -0.47 24.75 9.38
CA VAL A 467 -1.33 23.77 10.05
C VAL A 467 -0.49 22.62 10.63
N THR A 468 0.78 22.89 10.99
CA THR A 468 1.61 21.89 11.64
C THR A 468 2.39 22.52 12.82
N MET A 469 3.28 21.73 13.38
CA MET A 469 4.07 22.10 14.56
CA MET A 469 4.04 22.14 14.56
C MET A 469 5.10 23.17 14.27
N LEU A 470 5.36 24.02 15.28
CA LEU A 470 6.39 25.06 15.20
C LEU A 470 7.72 24.42 14.82
N LYS A 471 8.49 25.11 14.00
CA LYS A 471 9.79 24.59 13.55
C LYS A 471 10.76 24.44 14.73
N ASP A 472 10.64 25.33 15.73
CA ASP A 472 11.56 25.39 16.86
C ASP A 472 11.05 24.69 18.10
N ALA A 473 10.00 23.87 17.97
CA ALA A 473 9.62 22.98 19.07
C ALA A 473 10.78 21.98 19.28
N VAL A 474 10.87 21.40 20.48
CA VAL A 474 11.97 20.54 20.88
C VAL A 474 11.54 19.14 21.18
N HIS A 475 12.28 18.17 20.61
CA HIS A 475 12.02 16.76 20.73
C HIS A 475 13.15 16.04 21.48
N TYR A 476 12.95 14.75 21.67
CA TYR A 476 13.88 13.81 22.25
C TYR A 476 15.31 14.04 21.75
N GLY A 477 16.24 14.12 22.69
CA GLY A 477 17.65 14.36 22.39
C GLY A 477 18.01 15.80 22.08
N GLY A 478 17.06 16.73 22.20
CA GLY A 478 17.29 18.14 21.93
C GLY A 478 17.12 18.55 20.47
N TRP A 479 16.71 17.62 19.61
CA TRP A 479 16.52 17.92 18.21
C TRP A 479 15.33 18.84 18.04
N GLU A 480 15.37 19.71 17.05
CA GLU A 480 14.25 20.61 16.80
C GLU A 480 13.22 19.90 15.94
N HIS A 481 11.97 20.38 15.97
CA HIS A 481 10.94 19.84 15.09
C HIS A 481 11.40 19.84 13.62
N ARG A 482 12.10 20.93 13.16
CA ARG A 482 12.54 21.01 11.78
C ARG A 482 13.44 19.81 11.40
N ASP A 483 14.16 19.24 12.35
CA ASP A 483 15.07 18.14 12.04
C ASP A 483 14.37 16.83 11.76
N ILE A 484 13.23 16.62 12.41
CA ILE A 484 12.55 15.33 12.44
C ILE A 484 11.18 15.30 11.76
N HIS A 485 10.66 16.44 11.32
CA HIS A 485 9.26 16.54 10.89
C HIS A 485 8.71 15.34 10.11
N ASN A 486 9.40 14.95 9.02
CA ASN A 486 8.83 13.95 8.12
C ASN A 486 8.80 12.52 8.66
N ILE A 487 9.42 12.23 9.81
CA ILE A 487 9.32 10.91 10.44
C ILE A 487 8.37 10.89 11.63
N TYR A 488 7.76 12.02 12.02
CA TYR A 488 6.82 12.03 13.14
C TYR A 488 5.65 11.07 12.90
N GLY A 489 5.01 11.18 11.73
CA GLY A 489 3.89 10.32 11.40
C GLY A 489 4.23 8.84 11.36
N LEU A 490 5.38 8.52 10.77
CA LEU A 490 5.90 7.12 10.71
C LEU A 490 6.02 6.54 12.15
N TYR A 491 6.50 7.35 13.10
CA TYR A 491 6.63 6.86 14.47
C TYR A 491 5.27 6.59 15.11
N VAL A 492 4.28 7.41 14.81
CA VAL A 492 2.91 7.20 15.31
C VAL A 492 2.40 5.85 14.75
N HIS A 493 2.63 5.63 13.47
CA HIS A 493 2.19 4.44 12.76
C HIS A 493 2.86 3.19 13.35
N MET A 494 4.18 3.27 13.52
CA MET A 494 5.00 2.20 14.07
C MET A 494 4.52 1.85 15.49
N ALA A 495 4.37 2.85 16.34
CA ALA A 495 4.00 2.60 17.74
C ALA A 495 2.59 1.96 17.85
N THR A 496 1.65 2.43 17.01
CA THR A 496 0.30 1.85 16.98
C THR A 496 0.37 0.42 16.52
N ALA A 497 1.08 0.12 15.41
CA ALA A 497 1.20 -1.27 14.94
C ALA A 497 1.79 -2.16 16.04
N ASP A 498 2.83 -1.67 16.69
CA ASP A 498 3.44 -2.43 17.79
CA ASP A 498 3.46 -2.41 17.80
C ASP A 498 2.45 -2.65 18.93
N GLY A 499 1.61 -1.66 19.22
CA GLY A 499 0.56 -1.83 20.24
C GLY A 499 -0.40 -2.97 19.93
N LEU A 500 -0.82 -3.07 18.65
CA LEU A 500 -1.74 -4.15 18.27
C LEU A 500 -1.06 -5.50 18.31
N ILE A 501 0.23 -5.55 17.99
CA ILE A 501 0.95 -6.83 18.07
C ILE A 501 1.09 -7.25 19.56
N GLN A 502 1.53 -6.32 20.40
CA GLN A 502 1.78 -6.59 21.82
C GLN A 502 0.52 -6.98 22.58
N ARG A 503 -0.63 -6.38 22.31
CA ARG A 503 -1.86 -6.69 23.05
C ARG A 503 -2.28 -8.15 22.90
N SER A 504 -1.88 -8.79 21.80
CA SER A 504 -2.19 -10.19 21.51
C SER A 504 -1.08 -11.14 21.95
N GLY A 505 -0.07 -10.63 22.63
CA GLY A 505 1.10 -11.44 23.02
C GLY A 505 2.00 -11.76 21.86
N GLY A 506 2.03 -10.89 20.85
CA GLY A 506 2.89 -11.05 19.70
C GLY A 506 2.39 -11.97 18.60
N ILE A 507 1.15 -12.44 18.68
CA ILE A 507 0.61 -13.44 17.75
C ILE A 507 -0.12 -12.85 16.58
N GLU A 508 -0.94 -11.83 16.78
CA GLU A 508 -1.81 -11.28 15.76
C GLU A 508 -1.13 -10.20 14.94
N ARG A 509 -1.34 -10.22 13.59
CA ARG A 509 -0.78 -9.21 12.72
C ARG A 509 -1.60 -7.95 12.92
N PRO A 510 -0.96 -6.79 12.92
CA PRO A 510 -1.72 -5.55 13.07
C PRO A 510 -2.47 -5.12 11.81
N PHE A 511 -3.37 -4.15 11.96
CA PHE A 511 -3.90 -3.43 10.83
C PHE A 511 -3.99 -2.01 11.31
N VAL A 512 -3.21 -1.14 10.72
CA VAL A 512 -3.23 0.27 11.04
C VAL A 512 -3.15 1.06 9.73
N LEU A 513 -4.07 1.98 9.54
CA LEU A 513 -4.07 2.95 8.44
C LEU A 513 -3.48 4.25 8.96
N SER A 514 -2.54 4.85 8.20
CA SER A 514 -1.91 6.11 8.54
C SER A 514 -2.02 7.15 7.44
N ARG A 515 -2.19 8.43 7.78
CA ARG A 515 -2.24 9.47 6.78
C ARG A 515 -0.85 9.92 6.40
N ALA A 516 -0.01 10.22 7.40
CA ALA A 516 1.35 10.66 7.19
C ALA A 516 2.27 9.45 7.10
N PHE A 517 3.36 9.62 6.39
CA PHE A 517 4.30 8.52 6.16
C PHE A 517 5.62 9.05 5.64
N PHE A 518 6.59 8.14 5.65
CA PHE A 518 7.96 8.34 5.19
C PHE A 518 8.51 7.05 4.64
N SER A 519 9.75 7.06 4.14
CA SER A 519 10.45 5.82 3.79
C SER A 519 10.39 4.88 4.99
N GLY A 520 10.06 3.63 4.78
CA GLY A 520 9.94 2.66 5.85
C GLY A 520 8.52 2.45 6.32
N SER A 521 7.59 3.40 6.01
CA SER A 521 6.20 3.25 6.47
C SER A 521 5.52 1.99 5.99
N GLN A 522 6.00 1.39 4.87
CA GLN A 522 5.45 0.15 4.38
C GLN A 522 5.46 -0.96 5.43
N ARG A 523 6.41 -0.87 6.39
CA ARG A 523 6.57 -1.90 7.42
C ARG A 523 5.43 -1.91 8.44
N PHE A 524 4.58 -0.87 8.45
CA PHE A 524 3.59 -0.71 9.52
C PHE A 524 2.13 -0.82 9.13
N GLY A 525 1.78 -0.93 7.86
CA GLY A 525 0.37 -1.03 7.52
C GLY A 525 0.04 -0.37 6.21
N ALA A 526 -1.13 0.30 6.20
CA ALA A 526 -1.67 0.93 5.00
C ALA A 526 -1.54 2.43 5.09
N VAL A 527 -1.62 3.08 3.94
CA VAL A 527 -1.73 4.55 3.83
C VAL A 527 -2.85 4.86 2.85
N TRP A 528 -3.38 6.08 2.87
CA TRP A 528 -4.37 6.49 1.88
C TRP A 528 -4.09 7.94 1.54
N THR A 529 -4.64 8.38 0.43
CA THR A 529 -4.36 9.72 -0.10
C THR A 529 -5.12 10.88 0.55
N GLY A 530 -5.62 10.66 1.74
CA GLY A 530 -6.22 11.73 2.51
C GLY A 530 -7.55 12.27 2.03
N ASP A 531 -7.78 13.55 2.30
CA ASP A 531 -9.10 14.16 2.11
C ASP A 531 -9.29 14.64 0.68
N ASN A 532 -9.66 13.69 -0.16
CA ASN A 532 -9.91 13.93 -1.58
C ASN A 532 -11.34 14.46 -1.74
N THR A 533 -11.79 14.69 -2.97
CA THR A 533 -13.09 15.29 -3.27
C THR A 533 -13.89 14.42 -4.25
N ALA A 534 -15.21 14.42 -4.08
CA ALA A 534 -16.15 13.67 -4.89
C ALA A 534 -16.32 14.29 -6.30
N GLU A 535 -15.25 14.17 -7.10
CA GLU A 535 -15.18 14.68 -8.46
C GLU A 535 -14.42 13.71 -9.34
N TRP A 536 -14.78 13.66 -10.65
CA TRP A 536 -14.19 12.72 -11.61
C TRP A 536 -12.69 12.84 -11.71
N ASP A 537 -12.13 14.07 -11.67
CA ASP A 537 -10.69 14.21 -11.79
CA ASP A 537 -10.70 14.28 -11.75
C ASP A 537 -9.97 13.66 -10.52
N HIS A 538 -10.63 13.63 -9.35
CA HIS A 538 -10.04 13.00 -8.15
C HIS A 538 -10.11 11.48 -8.28
N LEU A 539 -11.18 10.94 -8.91
CA LEU A 539 -11.23 9.50 -9.20
C LEU A 539 -10.04 9.11 -10.08
N LYS A 540 -9.79 9.89 -11.16
CA LYS A 540 -8.67 9.63 -12.08
C LYS A 540 -7.33 9.68 -11.37
N ILE A 541 -7.14 10.63 -10.47
CA ILE A 541 -5.82 10.84 -9.87
C ILE A 541 -5.44 9.76 -8.84
N SER A 542 -6.40 8.94 -8.39
CA SER A 542 -6.13 7.84 -7.49
C SER A 542 -5.09 6.87 -8.10
N ILE A 543 -5.11 6.68 -9.45
CA ILE A 543 -4.16 5.78 -10.08
C ILE A 543 -2.72 6.33 -9.98
N PRO A 544 -2.38 7.53 -10.51
CA PRO A 544 -1.00 7.97 -10.42
C PRO A 544 -0.54 8.17 -8.98
N MET A 545 -1.43 8.58 -8.07
CA MET A 545 -1.02 8.74 -6.66
C MET A 545 -0.66 7.40 -6.05
N CYS A 546 -1.49 6.35 -6.20
CA CYS A 546 -1.11 5.07 -5.61
C CYS A 546 0.03 4.39 -6.35
N LEU A 547 0.18 4.63 -7.67
CA LEU A 547 1.34 4.10 -8.40
C LEU A 547 2.63 4.77 -7.93
N SER A 548 2.62 6.08 -7.67
CA SER A 548 3.80 6.76 -7.19
C SER A 548 4.23 6.15 -5.85
N LEU A 549 3.25 5.79 -5.00
CA LEU A 549 3.51 5.16 -3.71
C LEU A 549 4.03 3.72 -3.87
N ALA A 550 3.41 2.96 -4.76
CA ALA A 550 3.83 1.59 -5.05
C ALA A 550 5.28 1.52 -5.49
N LEU A 551 5.71 2.44 -6.34
CA LEU A 551 7.09 2.44 -6.83
C LEU A 551 8.10 2.63 -5.74
N VAL A 552 7.73 3.31 -4.64
CA VAL A 552 8.65 3.61 -3.53
C VAL A 552 8.35 2.76 -2.29
N GLY A 553 7.77 1.60 -2.51
CA GLY A 553 7.58 0.56 -1.51
C GLY A 553 6.28 0.52 -0.75
N LEU A 554 5.42 1.53 -0.90
CA LEU A 554 4.18 1.62 -0.13
C LEU A 554 3.04 1.02 -0.98
N SER A 555 2.98 -0.31 -0.95
CA SER A 555 2.03 -1.07 -1.74
C SER A 555 0.60 -1.02 -1.23
N PHE A 556 0.40 -0.73 0.04
CA PHE A 556 -0.95 -0.82 0.61
C PHE A 556 -1.57 0.56 0.68
N CYS A 557 -2.01 1.02 -0.49
CA CYS A 557 -2.46 2.41 -0.77
C CYS A 557 -3.91 2.39 -1.29
N GLY A 558 -4.61 3.48 -1.10
CA GLY A 558 -5.92 3.66 -1.70
C GLY A 558 -6.36 5.10 -1.56
N ALA A 559 -7.50 5.41 -2.11
CA ALA A 559 -8.15 6.72 -2.00
C ALA A 559 -9.59 6.49 -1.55
N ASP A 560 -10.17 7.48 -0.87
CA ASP A 560 -11.53 7.33 -0.32
C ASP A 560 -12.53 7.13 -1.44
N VAL A 561 -13.22 5.99 -1.41
CA VAL A 561 -14.20 5.64 -2.41
C VAL A 561 -15.40 6.57 -2.29
N GLY A 562 -15.70 7.28 -3.38
CA GLY A 562 -16.77 8.27 -3.43
C GLY A 562 -16.25 9.67 -3.26
N GLY A 563 -15.02 9.80 -2.73
CA GLY A 563 -14.45 11.11 -2.44
C GLY A 563 -14.86 11.54 -1.04
N PHE A 564 -13.96 12.19 -0.30
CA PHE A 564 -14.25 12.60 1.08
C PHE A 564 -15.20 13.80 1.09
N PHE A 565 -14.78 14.89 0.46
CA PHE A 565 -15.58 16.11 0.41
C PHE A 565 -16.67 16.03 -0.66
N LYS A 566 -17.85 16.58 -0.36
CA LYS A 566 -18.96 16.75 -1.32
C LYS A 566 -19.71 15.44 -1.59
N ASN A 567 -20.78 15.54 -2.39
CA ASN A 567 -21.70 14.45 -2.70
C ASN A 567 -21.50 13.96 -4.11
N PRO A 568 -21.03 12.72 -4.30
CA PRO A 568 -20.86 12.20 -5.65
C PRO A 568 -22.20 11.87 -6.27
N GLU A 569 -22.35 12.08 -7.58
CA GLU A 569 -23.57 11.61 -8.23
C GLU A 569 -23.48 10.04 -8.26
N PRO A 570 -24.63 9.33 -8.29
CA PRO A 570 -24.60 7.84 -8.25
C PRO A 570 -23.65 7.19 -9.28
N GLU A 571 -23.58 7.73 -10.51
CA GLU A 571 -22.71 7.18 -11.55
C GLU A 571 -21.24 7.26 -11.10
N LEU A 572 -20.86 8.39 -10.53
CA LEU A 572 -19.48 8.56 -10.04
C LEU A 572 -19.23 7.58 -8.87
N LEU A 573 -20.19 7.43 -7.92
CA LEU A 573 -20.01 6.49 -6.81
C LEU A 573 -19.80 5.07 -7.33
N VAL A 574 -20.57 4.64 -8.37
CA VAL A 574 -20.37 3.33 -8.97
C VAL A 574 -18.98 3.22 -9.56
N ARG A 575 -18.55 4.17 -10.36
CA ARG A 575 -17.24 4.07 -10.99
C ARG A 575 -16.15 4.09 -9.92
N TRP A 576 -16.38 4.81 -8.83
CA TRP A 576 -15.39 4.80 -7.74
C TRP A 576 -15.31 3.45 -7.03
N TYR A 577 -16.45 2.77 -6.81
CA TYR A 577 -16.41 1.42 -6.26
C TYR A 577 -15.62 0.49 -7.16
N GLN A 578 -15.80 0.62 -8.47
CA GLN A 578 -15.12 -0.24 -9.44
C GLN A 578 -13.62 -0.01 -9.44
N MET A 579 -13.18 1.23 -9.38
CA MET A 579 -11.77 1.63 -9.31
C MET A 579 -11.22 1.11 -7.98
N GLY A 580 -11.91 1.42 -6.89
CA GLY A 580 -11.46 1.02 -5.54
C GLY A 580 -11.39 -0.49 -5.37
N ALA A 581 -12.28 -1.21 -6.04
CA ALA A 581 -12.31 -2.68 -6.00
C ALA A 581 -11.02 -3.27 -6.57
N TYR A 582 -10.29 -2.52 -7.42
CA TYR A 582 -9.03 -2.99 -8.03
C TYR A 582 -7.79 -2.20 -7.51
N GLN A 583 -7.94 -1.54 -6.37
CA GLN A 583 -6.84 -0.83 -5.71
C GLN A 583 -6.55 -1.50 -4.34
N PRO A 584 -5.30 -1.43 -3.84
CA PRO A 584 -4.95 -2.24 -2.66
C PRO A 584 -5.76 -1.99 -1.39
N PHE A 585 -5.95 -0.72 -0.99
CA PHE A 585 -6.73 -0.38 0.21
C PHE A 585 -8.07 0.14 -0.22
N PHE A 586 -9.14 -0.59 0.10
CA PHE A 586 -10.48 -0.35 -0.42
C PHE A 586 -11.46 0.10 0.64
N ARG A 587 -11.60 1.41 0.78
CA ARG A 587 -12.48 1.99 1.79
C ARG A 587 -13.30 3.13 1.24
N ALA A 588 -14.61 3.09 1.52
CA ALA A 588 -15.50 4.21 1.26
C ALA A 588 -15.45 5.07 2.51
N HIS A 589 -15.33 6.37 2.33
CA HIS A 589 -15.32 7.30 3.45
C HIS A 589 -15.91 8.63 2.96
N ALA A 590 -16.40 9.44 3.89
CA ALA A 590 -17.12 10.65 3.52
C ALA A 590 -17.07 11.67 4.67
N HIS A 591 -17.06 12.92 4.31
CA HIS A 591 -17.02 14.05 5.25
C HIS A 591 -18.36 14.26 6.00
N LEU A 592 -18.26 14.89 7.16
CA LEU A 592 -19.39 15.21 8.06
C LEU A 592 -20.63 15.81 7.40
N ASP A 593 -20.45 16.70 6.41
CA ASP A 593 -21.55 17.44 5.75
C ASP A 593 -22.23 16.66 4.63
N THR A 594 -21.73 15.45 4.26
CA THR A 594 -22.23 14.74 3.09
C THR A 594 -23.46 13.93 3.40
N GLY A 595 -24.23 13.67 2.37
CA GLY A 595 -25.36 12.76 2.46
C GLY A 595 -24.85 11.34 2.69
N ARG A 596 -25.68 10.51 3.31
CA ARG A 596 -25.31 9.09 3.53
C ARG A 596 -25.12 8.39 2.23
N ARG A 597 -24.06 7.57 2.08
CA ARG A 597 -23.85 6.93 0.80
C ARG A 597 -23.53 5.44 0.93
N GLU A 598 -24.19 4.78 1.89
CA GLU A 598 -24.11 3.32 1.99
C GLU A 598 -24.70 2.82 0.69
N PRO A 599 -24.10 1.78 0.09
CA PRO A 599 -24.39 1.47 -1.30
C PRO A 599 -25.82 1.00 -1.61
N TRP A 600 -26.56 0.51 -0.62
CA TRP A 600 -27.95 0.12 -0.80
C TRP A 600 -28.92 1.30 -0.78
N LEU A 601 -28.45 2.55 -0.61
CA LEU A 601 -29.35 3.71 -0.63
C LEU A 601 -29.63 4.21 -2.04
N LEU A 602 -28.92 3.67 -3.03
CA LEU A 602 -29.03 4.07 -4.41
C LEU A 602 -30.09 3.25 -5.10
N ALA A 603 -30.47 3.70 -6.30
CA ALA A 603 -31.44 2.96 -7.13
C ALA A 603 -30.81 1.62 -7.54
N SER A 604 -31.68 0.59 -7.74
CA SER A 604 -31.28 -0.78 -8.10
C SER A 604 -30.16 -0.91 -9.15
N GLN A 605 -30.16 -0.12 -10.24
CA GLN A 605 -29.13 -0.26 -11.29
C GLN A 605 -27.73 -0.03 -10.68
N TYR A 606 -27.63 0.97 -9.79
CA TYR A 606 -26.38 1.37 -9.16
C TYR A 606 -25.99 0.36 -8.08
N GLN A 607 -26.96 -0.10 -7.26
CA GLN A 607 -26.70 -1.14 -6.25
C GLN A 607 -26.13 -2.38 -6.90
N ASP A 608 -26.71 -2.77 -8.03
CA ASP A 608 -26.29 -3.97 -8.71
C ASP A 608 -24.86 -3.89 -9.25
N ALA A 609 -24.48 -2.73 -9.81
CA ALA A 609 -23.14 -2.51 -10.32
C ALA A 609 -22.15 -2.51 -9.15
N ILE A 610 -22.53 -1.92 -8.00
CA ILE A 610 -21.66 -1.90 -6.82
C ILE A 610 -21.48 -3.30 -6.28
N ARG A 611 -22.57 -4.08 -6.16
CA ARG A 611 -22.48 -5.46 -5.69
C ARG A 611 -21.53 -6.26 -6.60
N ASP A 612 -21.65 -6.09 -7.92
CA ASP A 612 -20.78 -6.77 -8.89
C ASP A 612 -19.32 -6.46 -8.59
N ALA A 613 -18.99 -5.18 -8.37
CA ALA A 613 -17.61 -4.78 -8.08
C ALA A 613 -17.13 -5.46 -6.78
N LEU A 614 -17.96 -5.45 -5.74
CA LEU A 614 -17.63 -6.06 -4.46
C LEU A 614 -17.40 -7.57 -4.63
N PHE A 615 -18.25 -8.22 -5.37
CA PHE A 615 -18.09 -9.67 -5.64
C PHE A 615 -16.79 -9.94 -6.39
N GLN A 616 -16.42 -9.10 -7.37
CA GLN A 616 -15.13 -9.27 -8.06
C GLN A 616 -13.95 -9.20 -7.12
N ARG A 617 -13.96 -8.23 -6.26
CA ARG A 617 -12.89 -8.04 -5.26
C ARG A 617 -12.81 -9.22 -4.32
N TYR A 618 -13.94 -9.65 -3.75
CA TYR A 618 -13.93 -10.74 -2.77
C TYR A 618 -13.45 -12.04 -3.45
N SER A 619 -13.89 -12.29 -4.68
CA SER A 619 -13.43 -13.50 -5.37
C SER A 619 -11.96 -13.48 -5.65
N LEU A 620 -11.39 -12.30 -5.86
CA LEU A 620 -9.95 -12.18 -6.10
C LEU A 620 -9.08 -12.15 -4.84
N LEU A 621 -9.65 -12.26 -3.62
CA LEU A 621 -8.83 -12.20 -2.41
C LEU A 621 -7.63 -13.14 -2.39
N PRO A 622 -7.74 -14.38 -2.86
CA PRO A 622 -6.53 -15.24 -2.86
C PRO A 622 -5.40 -14.67 -3.71
N PHE A 623 -5.76 -14.00 -4.84
CA PHE A 623 -4.80 -13.35 -5.73
C PHE A 623 -4.17 -12.13 -5.06
N TRP A 624 -5.00 -11.26 -4.49
CA TRP A 624 -4.50 -10.11 -3.75
C TRP A 624 -3.56 -10.51 -2.60
N TYR A 625 -3.93 -11.56 -1.85
CA TYR A 625 -3.15 -12.02 -0.69
C TYR A 625 -1.78 -12.51 -1.15
N THR A 626 -1.77 -13.23 -2.26
CA THR A 626 -0.54 -13.71 -2.85
C THR A 626 0.36 -12.56 -3.33
N LEU A 627 -0.20 -11.55 -3.97
CA LEU A 627 0.60 -10.39 -4.41
C LEU A 627 1.20 -9.70 -3.18
N PHE A 628 0.42 -9.59 -2.09
CA PHE A 628 0.95 -8.96 -0.86
C PHE A 628 2.03 -9.81 -0.22
N TYR A 629 1.89 -11.15 -0.28
CA TYR A 629 2.96 -12.01 0.21
C TYR A 629 4.24 -11.77 -0.61
N GLN A 630 4.11 -11.66 -1.94
CA GLN A 630 5.28 -11.36 -2.80
C GLN A 630 5.87 -9.97 -2.47
N ALA A 631 5.03 -9.01 -2.13
CA ALA A 631 5.51 -7.69 -1.73
C ALA A 631 6.27 -7.81 -0.39
N HIS A 632 5.76 -8.59 0.53
CA HIS A 632 6.35 -8.78 1.85
C HIS A 632 7.70 -9.49 1.74
N LYS A 633 7.77 -10.50 0.88
CA LYS A 633 9.01 -11.27 0.75
C LYS A 633 10.07 -10.64 -0.14
N GLU A 634 9.68 -9.98 -1.23
CA GLU A 634 10.61 -9.44 -2.25
C GLU A 634 10.69 -7.92 -2.33
N GLY A 635 9.67 -7.20 -1.86
CA GLY A 635 9.61 -5.75 -1.98
C GLY A 635 9.14 -5.27 -3.35
N PHE A 636 8.45 -6.14 -4.08
CA PHE A 636 7.90 -5.83 -5.38
C PHE A 636 6.51 -5.22 -5.18
N PRO A 637 6.19 -4.21 -5.97
CA PRO A 637 4.87 -3.55 -5.80
C PRO A 637 3.69 -4.42 -6.21
N VAL A 638 2.54 -4.23 -5.55
CA VAL A 638 1.31 -4.96 -5.83
C VAL A 638 0.63 -4.35 -7.08
N MET A 639 0.35 -3.05 -7.03
CA MET A 639 -0.19 -2.27 -8.14
C MET A 639 1.01 -1.72 -8.88
N ARG A 640 1.07 -1.90 -10.21
CA ARG A 640 2.23 -1.54 -11.00
C ARG A 640 1.91 -0.74 -12.23
N PRO A 641 2.77 0.24 -12.58
CA PRO A 641 2.62 0.89 -13.89
C PRO A 641 2.92 -0.13 -15.00
N LEU A 642 2.34 0.06 -16.18
CA LEU A 642 2.60 -0.88 -17.28
C LEU A 642 4.11 -0.98 -17.65
N TRP A 643 4.88 0.14 -17.53
CA TRP A 643 6.32 0.18 -17.87
C TRP A 643 7.15 -0.75 -17.01
N VAL A 644 6.66 -1.08 -15.80
CA VAL A 644 7.35 -2.06 -14.97
C VAL A 644 7.36 -3.45 -15.62
N GLN A 645 6.25 -3.85 -16.25
CA GLN A 645 6.09 -5.13 -16.94
CA GLN A 645 6.10 -5.15 -16.93
C GLN A 645 6.58 -5.05 -18.39
N TYR A 646 6.56 -3.84 -18.99
CA TYR A 646 7.00 -3.63 -20.39
C TYR A 646 8.04 -2.54 -20.45
N PRO A 647 9.24 -2.80 -19.92
CA PRO A 647 10.25 -1.73 -19.81
C PRO A 647 10.81 -1.21 -21.11
N GLU A 648 10.69 -1.99 -22.21
CA GLU A 648 11.19 -1.52 -23.50
C GLU A 648 10.08 -0.93 -24.34
N ASP A 649 8.82 -0.89 -23.85
CA ASP A 649 7.74 -0.28 -24.60
C ASP A 649 7.63 1.16 -24.18
N MET A 650 8.22 2.06 -24.98
CA MET A 650 8.27 3.48 -24.66
C MET A 650 6.89 4.13 -24.64
N SER A 651 5.88 3.54 -25.30
CA SER A 651 4.53 4.08 -25.24
C SER A 651 3.88 3.86 -23.85
N THR A 652 4.44 2.99 -22.99
CA THR A 652 3.87 2.79 -21.65
C THR A 652 4.46 3.72 -20.56
N PHE A 653 5.49 4.49 -20.87
CA PHE A 653 6.25 5.19 -19.83
C PHE A 653 5.48 6.20 -19.04
N SER A 654 4.45 6.82 -19.61
CA SER A 654 3.65 7.84 -18.90
C SER A 654 2.21 7.40 -18.61
N ILE A 655 1.82 6.17 -18.93
CA ILE A 655 0.43 5.73 -18.76
C ILE A 655 0.04 5.77 -17.31
N GLU A 656 -1.08 6.42 -17.03
CA GLU A 656 -1.65 6.52 -15.69
C GLU A 656 -3.18 6.35 -15.65
N ASP A 657 -3.81 5.87 -16.74
CA ASP A 657 -5.26 5.60 -16.74
C ASP A 657 -5.49 4.10 -16.77
N GLN A 658 -4.40 3.33 -16.60
CA GLN A 658 -4.39 1.87 -16.60
C GLN A 658 -3.31 1.42 -15.67
N PHE A 659 -3.40 0.18 -15.18
CA PHE A 659 -2.34 -0.36 -14.32
C PHE A 659 -2.44 -1.85 -14.30
N MET A 660 -1.40 -2.49 -13.80
CA MET A 660 -1.41 -3.93 -13.61
C MET A 660 -1.41 -4.30 -12.14
N LEU A 661 -1.98 -5.46 -11.86
CA LEU A 661 -1.90 -6.11 -10.54
C LEU A 661 -0.98 -7.32 -10.77
N GLY A 662 0.20 -7.28 -10.19
CA GLY A 662 1.23 -8.30 -10.41
C GLY A 662 1.57 -8.33 -11.89
N ASP A 663 1.81 -9.53 -12.45
CA ASP A 663 2.02 -9.69 -13.88
C ASP A 663 0.80 -10.24 -14.59
N ALA A 664 -0.34 -10.39 -13.88
CA ALA A 664 -1.48 -11.14 -14.43
C ALA A 664 -2.70 -10.36 -14.87
N LEU A 665 -3.06 -9.26 -14.21
CA LEU A 665 -4.28 -8.57 -14.59
C LEU A 665 -3.95 -7.13 -15.00
N LEU A 666 -4.59 -6.67 -16.06
CA LEU A 666 -4.45 -5.28 -16.57
C LEU A 666 -5.84 -4.68 -16.38
N ILE A 667 -5.90 -3.53 -15.71
CA ILE A 667 -7.13 -2.88 -15.32
C ILE A 667 -7.20 -1.51 -15.98
N HIS A 668 -8.34 -1.15 -16.60
CA HIS A 668 -8.57 0.19 -17.17
C HIS A 668 -9.95 0.63 -16.68
N PRO A 669 -10.07 1.13 -15.44
CA PRO A 669 -11.39 1.52 -14.92
C PRO A 669 -12.01 2.65 -15.68
N VAL A 670 -13.34 2.67 -15.77
CA VAL A 670 -14.00 3.76 -16.47
C VAL A 670 -13.90 4.96 -15.55
N SER A 671 -13.49 6.14 -16.05
CA SER A 671 -13.35 7.31 -15.20
C SER A 671 -13.84 8.62 -15.82
N ASP A 672 -14.90 8.54 -16.64
CA ASP A 672 -15.58 9.70 -17.20
C ASP A 672 -17.09 9.45 -17.13
N ALA A 673 -17.84 10.47 -16.79
CA ALA A 673 -19.30 10.40 -16.78
C ALA A 673 -19.78 10.16 -18.21
N GLY A 674 -20.79 9.31 -18.39
CA GLY A 674 -21.40 9.02 -19.69
C GLY A 674 -20.51 8.29 -20.68
N ALA A 675 -19.45 7.60 -20.20
CA ALA A 675 -18.57 6.87 -21.09
C ALA A 675 -19.28 5.64 -21.62
N HIS A 676 -19.17 5.37 -22.92
CA HIS A 676 -19.73 4.13 -23.49
C HIS A 676 -18.63 3.20 -23.98
N GLY A 677 -17.39 3.63 -23.85
CA GLY A 677 -16.26 2.79 -24.16
C GLY A 677 -14.98 3.37 -23.59
N VAL A 678 -13.93 2.57 -23.56
CA VAL A 678 -12.61 2.99 -23.11
C VAL A 678 -11.56 2.52 -24.13
N GLN A 679 -10.47 3.29 -24.29
CA GLN A 679 -9.35 2.93 -25.13
C GLN A 679 -8.37 2.19 -24.23
N VAL A 680 -8.27 0.86 -24.40
CA VAL A 680 -7.39 0.03 -23.58
C VAL A 680 -6.11 -0.31 -24.32
N TYR A 681 -4.94 0.10 -23.82
CA TYR A 681 -3.69 -0.31 -24.45
C TYR A 681 -3.28 -1.68 -23.87
N LEU A 682 -3.17 -2.68 -24.75
CA LEU A 682 -2.77 -4.03 -24.42
C LEU A 682 -1.39 -4.21 -24.99
N PRO A 683 -0.36 -4.13 -24.14
CA PRO A 683 1.02 -4.20 -24.64
C PRO A 683 1.49 -5.62 -24.90
N GLY A 684 2.68 -5.71 -25.47
CA GLY A 684 3.38 -6.97 -25.58
C GLY A 684 3.45 -7.57 -26.96
N GLN A 685 4.65 -7.60 -27.54
CA GLN A 685 4.88 -8.29 -28.82
C GLN A 685 4.69 -9.80 -28.51
N GLU A 686 3.94 -10.55 -29.29
CA GLU A 686 3.72 -11.99 -28.98
C GLU A 686 3.02 -12.28 -27.60
N GLU A 687 2.30 -11.31 -27.06
CA GLU A 687 1.51 -11.47 -25.82
C GLU A 687 0.04 -11.59 -26.24
N VAL A 688 -0.78 -12.27 -25.42
CA VAL A 688 -2.20 -12.32 -25.63
C VAL A 688 -2.85 -11.93 -24.32
N TRP A 689 -4.03 -11.37 -24.42
CA TRP A 689 -4.82 -10.88 -23.29
C TRP A 689 -6.23 -11.42 -23.41
N TYR A 690 -6.81 -11.85 -22.30
CA TYR A 690 -8.19 -12.35 -22.28
C TYR A 690 -9.10 -11.41 -21.53
N ASP A 691 -10.19 -10.96 -22.15
CA ASP A 691 -11.21 -10.16 -21.48
C ASP A 691 -11.82 -11.10 -20.45
N ILE A 692 -11.69 -10.79 -19.16
CA ILE A 692 -12.11 -11.74 -18.16
C ILE A 692 -13.61 -11.99 -18.09
N GLN A 693 -14.43 -11.12 -18.68
CA GLN A 693 -15.88 -11.32 -18.68
C GLN A 693 -16.35 -12.14 -19.87
N SER A 694 -15.85 -11.83 -21.07
CA SER A 694 -16.26 -12.47 -22.32
C SER A 694 -15.37 -13.64 -22.74
N TYR A 695 -14.13 -13.71 -22.21
CA TYR A 695 -13.10 -14.66 -22.58
C TYR A 695 -12.54 -14.39 -23.99
N GLN A 696 -12.88 -13.24 -24.61
CA GLN A 696 -12.35 -12.91 -25.93
C GLN A 696 -10.84 -12.65 -25.82
N LYS A 697 -10.06 -13.25 -26.73
CA LYS A 697 -8.62 -13.15 -26.75
C LYS A 697 -8.22 -12.02 -27.66
N HIS A 698 -7.25 -11.22 -27.21
CA HIS A 698 -6.73 -10.08 -27.94
C HIS A 698 -5.22 -10.17 -27.99
N HIS A 699 -4.64 -9.96 -29.18
CA HIS A 699 -3.19 -9.99 -29.37
C HIS A 699 -2.58 -8.61 -29.16
N GLY A 700 -1.49 -8.55 -28.43
CA GLY A 700 -0.78 -7.29 -28.24
C GLY A 700 0.24 -7.11 -29.36
N PRO A 701 0.82 -5.93 -29.52
CA PRO A 701 0.43 -4.68 -28.86
C PRO A 701 -0.71 -4.08 -29.66
N GLN A 702 -1.72 -3.54 -29.00
CA GLN A 702 -2.80 -2.83 -29.68
C GLN A 702 -3.53 -1.93 -28.72
N THR A 703 -4.27 -0.92 -29.26
CA THR A 703 -5.19 -0.11 -28.50
C THR A 703 -6.58 -0.60 -28.91
N LEU A 704 -7.30 -1.16 -27.95
CA LEU A 704 -8.64 -1.72 -28.17
C LEU A 704 -9.69 -0.75 -27.68
N TYR A 705 -10.73 -0.45 -28.50
CA TYR A 705 -11.80 0.38 -28.00
C TYR A 705 -12.88 -0.57 -27.46
N LEU A 706 -12.98 -0.69 -26.14
CA LEU A 706 -13.85 -1.65 -25.49
C LEU A 706 -15.14 -0.99 -25.09
N PRO A 707 -16.30 -1.53 -25.52
CA PRO A 707 -17.58 -0.95 -25.06
C PRO A 707 -17.81 -1.24 -23.57
N VAL A 708 -18.44 -0.30 -22.89
CA VAL A 708 -18.75 -0.45 -21.48
C VAL A 708 -20.16 0.02 -21.17
N THR A 709 -20.72 -0.58 -20.13
CA THR A 709 -21.95 -0.19 -19.49
C THR A 709 -21.62 0.24 -18.04
N LEU A 710 -22.66 0.59 -17.27
CA LEU A 710 -22.49 0.99 -15.88
C LEU A 710 -21.82 -0.09 -15.03
N SER A 711 -22.09 -1.37 -15.31
CA SER A 711 -21.55 -2.48 -14.52
C SER A 711 -20.19 -2.97 -15.02
N SER A 712 -19.64 -2.40 -16.11
CA SER A 712 -18.38 -2.82 -16.66
C SER A 712 -17.19 -2.38 -15.83
N ILE A 713 -16.22 -3.28 -15.68
CA ILE A 713 -14.90 -3.00 -15.10
C ILE A 713 -13.93 -3.63 -16.11
N PRO A 714 -13.28 -2.84 -16.96
CA PRO A 714 -12.39 -3.42 -18.00
C PRO A 714 -11.16 -4.07 -17.39
N VAL A 715 -11.13 -5.40 -17.41
CA VAL A 715 -10.05 -6.16 -16.81
C VAL A 715 -9.66 -7.27 -17.79
N PHE A 716 -8.37 -7.42 -18.00
CA PHE A 716 -7.81 -8.43 -18.88
C PHE A 716 -6.79 -9.27 -18.17
N GLN A 717 -6.82 -10.59 -18.42
CA GLN A 717 -5.84 -11.49 -17.82
C GLN A 717 -4.77 -11.78 -18.90
N ARG A 718 -3.50 -11.69 -18.51
CA ARG A 718 -2.39 -11.88 -19.43
C ARG A 718 -2.21 -13.35 -19.73
N GLY A 719 -2.01 -13.69 -20.98
CA GLY A 719 -1.67 -15.06 -21.33
C GLY A 719 -0.37 -15.43 -20.63
N GLY A 720 -0.28 -16.66 -20.14
CA GLY A 720 0.87 -17.09 -19.41
C GLY A 720 0.69 -17.02 -17.90
N THR A 721 -0.53 -16.70 -17.40
CA THR A 721 -0.76 -16.59 -15.97
C THR A 721 -1.88 -17.45 -15.44
N ILE A 722 -1.83 -17.72 -14.14
CA ILE A 722 -2.84 -18.52 -13.44
C ILE A 722 -3.26 -17.73 -12.23
N VAL A 723 -4.51 -17.34 -12.21
CA VAL A 723 -5.09 -16.51 -11.14
C VAL A 723 -6.01 -17.36 -10.26
N PRO A 724 -5.81 -17.38 -8.94
CA PRO A 724 -6.69 -18.17 -8.05
C PRO A 724 -7.85 -17.32 -7.53
N ARG A 725 -9.06 -17.86 -7.45
CA ARG A 725 -10.23 -17.12 -6.96
C ARG A 725 -11.01 -17.98 -5.99
N TRP A 726 -11.76 -17.31 -5.08
CA TRP A 726 -12.76 -17.94 -4.24
C TRP A 726 -14.08 -17.57 -4.91
N MET A 727 -14.71 -18.50 -5.62
CA MET A 727 -15.94 -18.18 -6.36
C MET A 727 -17.19 -18.12 -5.47
N ARG A 728 -17.13 -18.63 -4.25
CA ARG A 728 -18.24 -18.63 -3.31
C ARG A 728 -18.14 -17.35 -2.49
N VAL A 729 -18.75 -16.30 -2.99
CA VAL A 729 -18.70 -14.99 -2.32
C VAL A 729 -19.61 -15.00 -1.14
N ARG A 730 -19.06 -14.74 0.04
CA ARG A 730 -19.83 -14.72 1.28
C ARG A 730 -19.81 -13.31 1.87
N ARG A 731 -20.28 -13.11 3.11
CA ARG A 731 -20.47 -11.73 3.62
C ARG A 731 -19.20 -11.03 4.07
N SER A 732 -18.13 -11.78 4.35
CA SER A 732 -16.86 -11.22 4.79
C SER A 732 -15.77 -12.23 4.49
N SER A 733 -14.53 -11.77 4.48
CA SER A 733 -13.41 -12.66 4.16
C SER A 733 -13.24 -13.79 5.16
N ASP A 734 -13.54 -13.56 6.47
CA ASP A 734 -13.38 -14.64 7.44
C ASP A 734 -14.26 -15.83 7.07
N CYS A 735 -15.43 -15.53 6.52
CA CYS A 735 -16.37 -16.57 6.12
C CYS A 735 -15.81 -17.45 4.98
N MET A 736 -14.98 -16.84 4.13
CA MET A 736 -14.45 -17.45 2.89
C MET A 736 -13.08 -18.07 2.99
N LYS A 737 -12.33 -17.76 4.05
CA LYS A 737 -10.92 -18.07 4.09
C LYS A 737 -10.56 -19.56 4.16
N ASP A 738 -11.52 -20.45 4.34
CA ASP A 738 -11.30 -21.89 4.29
C ASP A 738 -11.97 -22.55 3.08
N ASP A 739 -12.50 -21.78 2.15
CA ASP A 739 -13.25 -22.28 0.99
C ASP A 739 -12.38 -22.77 -0.16
N PRO A 740 -12.99 -23.57 -1.04
CA PRO A 740 -12.26 -24.08 -2.21
C PRO A 740 -11.97 -23.03 -3.24
N ILE A 741 -10.88 -23.27 -3.96
CA ILE A 741 -10.32 -22.36 -4.94
C ILE A 741 -10.67 -22.81 -6.38
N THR A 742 -10.90 -21.85 -7.24
CA THR A 742 -11.00 -22.03 -8.68
C THR A 742 -9.74 -21.40 -9.32
N LEU A 743 -9.04 -22.17 -10.16
CA LEU A 743 -7.87 -21.66 -10.84
C LEU A 743 -8.26 -21.20 -12.24
N PHE A 744 -7.90 -19.95 -12.63
CA PHE A 744 -8.17 -19.40 -13.96
C PHE A 744 -6.86 -19.39 -14.72
N VAL A 745 -6.73 -20.29 -15.67
CA VAL A 745 -5.49 -20.51 -16.40
C VAL A 745 -5.61 -19.84 -17.78
N ALA A 746 -4.85 -18.78 -18.00
CA ALA A 746 -4.86 -18.08 -19.28
C ALA A 746 -3.63 -18.53 -20.11
N LEU A 747 -3.84 -19.31 -21.17
CA LEU A 747 -2.72 -19.82 -21.92
C LEU A 747 -2.02 -18.79 -22.81
N SER A 748 -0.68 -18.80 -22.77
CA SER A 748 0.15 -17.98 -23.65
C SER A 748 0.05 -18.58 -25.05
N PRO A 749 0.56 -17.88 -26.09
CA PRO A 749 0.53 -18.47 -27.44
C PRO A 749 1.33 -19.78 -27.53
N GLN A 750 2.28 -20.00 -26.62
CA GLN A 750 3.08 -21.23 -26.54
C GLN A 750 2.37 -22.34 -25.71
N GLY A 751 1.14 -22.08 -25.24
CA GLY A 751 0.36 -23.04 -24.48
C GLY A 751 0.88 -23.27 -23.09
N THR A 752 1.34 -22.19 -22.45
CA THR A 752 1.91 -22.26 -21.12
C THR A 752 1.29 -21.24 -20.21
N ALA A 753 1.44 -21.48 -18.91
CA ALA A 753 0.99 -20.54 -17.88
C ALA A 753 1.55 -20.89 -16.54
N GLN A 754 1.71 -19.88 -15.67
CA GLN A 754 2.14 -20.11 -14.30
C GLN A 754 1.55 -19.09 -13.37
N GLY A 755 1.49 -19.47 -12.11
CA GLY A 755 1.04 -18.55 -11.07
C GLY A 755 1.23 -19.16 -9.70
N GLU A 756 1.30 -18.32 -8.68
CA GLU A 756 1.49 -18.79 -7.32
C GLU A 756 0.26 -18.50 -6.47
N LEU A 757 0.22 -19.17 -5.33
CA LEU A 757 -0.84 -19.00 -4.32
C LEU A 757 -0.26 -19.12 -2.95
N PHE A 758 -0.44 -18.07 -2.13
CA PHE A 758 -0.03 -18.08 -0.73
C PHE A 758 -1.29 -18.25 0.10
N LEU A 759 -1.24 -19.12 1.13
CA LEU A 759 -2.31 -19.33 2.10
C LEU A 759 -1.72 -19.48 3.50
N ASP A 760 -2.44 -18.96 4.47
CA ASP A 760 -2.08 -19.14 5.89
C ASP A 760 -3.39 -19.00 6.67
N ASP A 761 -3.34 -18.84 7.99
CA ASP A 761 -4.55 -18.73 8.79
C ASP A 761 -5.29 -17.38 8.59
N GLY A 762 -4.69 -16.45 7.83
CA GLY A 762 -5.33 -15.19 7.52
C GLY A 762 -5.06 -14.06 8.49
N HIS A 763 -4.39 -14.29 9.64
CA HIS A 763 -4.27 -13.20 10.61
C HIS A 763 -3.12 -13.23 11.62
N THR A 764 -2.32 -14.31 11.73
CA THR A 764 -1.24 -14.35 12.73
C THR A 764 0.14 -14.32 12.11
N PHE A 765 1.16 -14.27 12.96
CA PHE A 765 2.55 -14.40 12.53
C PHE A 765 2.98 -15.86 12.45
N ASN A 766 2.04 -16.83 12.51
CA ASN A 766 2.42 -18.24 12.46
C ASN A 766 3.14 -18.63 11.17
N TYR A 767 2.87 -17.93 10.04
CA TYR A 767 3.62 -18.19 8.82
C TYR A 767 5.15 -17.98 8.99
N GLN A 768 5.54 -17.06 9.88
CA GLN A 768 6.93 -16.72 10.11
C GLN A 768 7.51 -17.44 11.32
N THR A 769 6.76 -17.55 12.42
CA THR A 769 7.27 -18.17 13.65
C THR A 769 7.19 -19.70 13.64
N ARG A 770 6.19 -20.26 12.92
CA ARG A 770 5.99 -21.72 12.85
C ARG A 770 6.06 -22.27 11.43
N HIS A 771 6.29 -21.42 10.40
CA HIS A 771 6.28 -21.85 8.99
C HIS A 771 4.97 -22.55 8.67
N GLU A 772 3.86 -22.02 9.25
CA GLU A 772 2.54 -22.52 8.98
C GLU A 772 1.90 -21.69 7.85
N PHE A 773 2.15 -22.11 6.64
CA PHE A 773 1.58 -21.51 5.44
C PHE A 773 1.79 -22.46 4.29
N LEU A 774 1.23 -22.11 3.15
CA LEU A 774 1.47 -22.80 1.89
C LEU A 774 1.84 -21.78 0.86
N LEU A 775 2.84 -22.08 0.06
CA LEU A 775 3.15 -21.30 -1.13
C LEU A 775 3.20 -22.31 -2.29
N ARG A 776 2.15 -22.32 -3.11
CA ARG A 776 2.02 -23.24 -4.24
C ARG A 776 2.41 -22.58 -5.51
N ARG A 777 2.95 -23.37 -6.44
CA ARG A 777 3.19 -22.95 -7.80
C ARG A 777 2.30 -23.80 -8.69
N PHE A 778 1.49 -23.15 -9.54
CA PHE A 778 0.69 -23.83 -10.52
C PHE A 778 1.34 -23.58 -11.87
N SER A 779 1.56 -24.63 -12.66
CA SER A 779 2.23 -24.46 -13.93
C SER A 779 1.58 -25.29 -14.98
N PHE A 780 1.40 -24.74 -16.17
CA PHE A 780 0.76 -25.42 -17.30
C PHE A 780 1.75 -25.41 -18.42
N SER A 781 1.96 -26.57 -19.05
CA SER A 781 2.76 -26.63 -20.27
C SER A 781 2.39 -27.92 -20.99
N GLY A 782 2.42 -27.91 -22.32
CA GLY A 782 2.11 -29.10 -23.11
C GLY A 782 0.64 -29.42 -22.97
N SER A 783 0.29 -30.45 -22.23
CA SER A 783 -1.13 -30.70 -22.01
C SER A 783 -1.37 -30.99 -20.51
N THR A 784 -0.50 -30.48 -19.64
CA THR A 784 -0.50 -30.79 -18.21
C THR A 784 -0.42 -29.60 -17.31
N LEU A 785 -1.31 -29.57 -16.32
CA LEU A 785 -1.37 -28.56 -15.24
C LEU A 785 -0.81 -29.25 -14.00
N VAL A 786 0.18 -28.65 -13.36
CA VAL A 786 0.86 -29.23 -12.19
C VAL A 786 0.85 -28.26 -11.03
N SER A 787 0.60 -28.80 -9.81
CA SER A 787 0.71 -28.07 -8.57
C SER A 787 1.93 -28.63 -7.87
N SER A 788 2.88 -27.75 -7.52
CA SER A 788 4.08 -28.10 -6.77
C SER A 788 4.34 -27.08 -5.69
N SER A 789 5.20 -27.42 -4.75
CA SER A 789 5.51 -26.47 -3.70
C SER A 789 6.50 -25.39 -4.23
N ALA A 790 6.21 -24.10 -3.98
CA ALA A 790 7.13 -23.00 -4.30
C ALA A 790 8.00 -22.69 -3.06
N ASP A 791 7.69 -23.29 -1.90
CA ASP A 791 8.48 -23.11 -0.68
C ASP A 791 8.21 -24.31 0.20
N PRO A 792 9.05 -25.36 0.11
CA PRO A 792 8.77 -26.58 0.90
C PRO A 792 8.80 -26.42 2.41
N LYS A 793 9.29 -25.30 2.96
CA LYS A 793 9.32 -25.10 4.41
C LYS A 793 7.92 -24.87 4.97
N GLY A 794 7.01 -24.38 4.14
CA GLY A 794 5.65 -24.08 4.55
C GLY A 794 4.72 -25.26 4.51
N HIS A 795 4.16 -25.63 5.66
CA HIS A 795 3.11 -26.64 5.79
C HIS A 795 1.91 -26.02 6.48
N LEU A 796 0.71 -26.43 6.11
CA LEU A 796 -0.52 -25.90 6.70
C LEU A 796 -1.62 -26.92 6.70
N GLU A 797 -2.28 -27.12 7.84
CA GLU A 797 -3.46 -27.98 7.92
C GLU A 797 -4.59 -27.10 7.47
N THR A 798 -5.24 -27.47 6.37
CA THR A 798 -6.32 -26.66 5.82
C THR A 798 -7.33 -27.53 5.11
N PRO A 799 -8.62 -27.17 5.17
CA PRO A 799 -9.63 -27.90 4.40
C PRO A 799 -9.75 -27.42 2.95
N ILE A 800 -8.99 -26.34 2.56
CA ILE A 800 -9.06 -25.80 1.22
C ILE A 800 -8.71 -26.84 0.16
N TRP A 801 -9.58 -26.95 -0.84
CA TRP A 801 -9.42 -27.86 -1.97
C TRP A 801 -9.64 -27.12 -3.29
N ILE A 802 -9.26 -27.74 -4.41
CA ILE A 802 -9.42 -27.18 -5.74
C ILE A 802 -10.78 -27.64 -6.29
N GLU A 803 -11.76 -26.74 -6.39
CA GLU A 803 -13.09 -27.17 -6.86
C GLU A 803 -13.26 -27.07 -8.33
N ARG A 804 -12.40 -26.32 -9.02
CA ARG A 804 -12.62 -26.07 -10.44
C ARG A 804 -11.38 -25.50 -11.08
N VAL A 805 -11.21 -25.76 -12.40
CA VAL A 805 -10.17 -25.15 -13.22
C VAL A 805 -10.83 -24.62 -14.45
N VAL A 806 -10.56 -23.36 -14.79
CA VAL A 806 -11.12 -22.73 -15.97
C VAL A 806 -9.88 -22.43 -16.85
N ILE A 807 -9.78 -23.03 -18.05
CA ILE A 807 -8.64 -22.83 -18.93
C ILE A 807 -9.08 -22.08 -20.16
N MET A 808 -8.53 -20.87 -20.38
CA MET A 808 -8.80 -20.02 -21.53
C MET A 808 -7.71 -20.24 -22.58
N GLY A 809 -8.13 -20.52 -23.81
CA GLY A 809 -7.25 -20.80 -24.94
C GLY A 809 -6.97 -22.28 -25.14
N ALA A 810 -7.85 -23.16 -24.65
CA ALA A 810 -7.65 -24.61 -24.74
C ALA A 810 -8.63 -25.22 -25.72
N GLY A 811 -8.16 -26.24 -26.43
CA GLY A 811 -9.00 -27.03 -27.32
C GLY A 811 -9.75 -28.07 -26.51
N LYS A 812 -10.69 -28.79 -27.13
CA LYS A 812 -11.51 -29.78 -26.41
C LYS A 812 -10.71 -31.07 -26.26
N PRO A 813 -10.51 -31.53 -25.02
CA PRO A 813 -9.78 -32.78 -24.85
C PRO A 813 -10.72 -33.97 -25.03
N ALA A 814 -10.16 -35.16 -25.17
CA ALA A 814 -10.94 -36.39 -25.19
C ALA A 814 -11.10 -36.89 -23.75
N ALA A 815 -10.10 -36.67 -22.89
CA ALA A 815 -10.16 -37.12 -21.49
C ALA A 815 -9.32 -36.22 -20.61
N VAL A 816 -9.70 -36.14 -19.32
CA VAL A 816 -8.99 -35.31 -18.35
C VAL A 816 -8.67 -36.21 -17.17
N VAL A 817 -7.40 -36.37 -16.87
CA VAL A 817 -6.90 -37.26 -15.84
C VAL A 817 -6.18 -36.53 -14.72
N LEU A 818 -6.56 -36.80 -13.47
CA LEU A 818 -5.89 -36.20 -12.31
C LEU A 818 -5.14 -37.26 -11.52
N GLN A 819 -3.84 -37.00 -11.29
CA GLN A 819 -2.99 -37.85 -10.48
C GLN A 819 -2.55 -37.09 -9.23
N THR A 820 -2.62 -37.75 -8.07
CA THR A 820 -2.14 -37.19 -6.81
C THR A 820 -1.73 -38.36 -5.91
N LYS A 821 -0.62 -38.22 -5.19
CA LYS A 821 -0.13 -39.31 -4.32
C LYS A 821 -1.16 -39.69 -3.28
N GLY A 822 -1.40 -40.99 -3.09
CA GLY A 822 -2.36 -41.46 -2.11
C GLY A 822 -3.76 -41.70 -2.62
N SER A 823 -4.00 -41.43 -3.90
CA SER A 823 -5.29 -41.63 -4.54
C SER A 823 -5.13 -42.39 -5.83
N PRO A 824 -6.18 -43.10 -6.25
CA PRO A 824 -6.15 -43.70 -7.56
C PRO A 824 -6.27 -42.57 -8.58
N GLU A 825 -5.93 -42.85 -9.80
CA GLU A 825 -6.09 -41.93 -10.91
C GLU A 825 -7.56 -41.60 -11.07
N SER A 826 -7.84 -40.32 -11.31
CA SER A 826 -9.18 -39.83 -11.37
C SER A 826 -9.46 -39.32 -12.78
N ARG A 827 -10.68 -39.52 -13.26
CA ARG A 827 -11.16 -38.97 -14.52
C ARG A 827 -12.14 -37.86 -14.19
N LEU A 828 -11.90 -36.65 -14.74
CA LEU A 828 -12.78 -35.51 -14.45
C LEU A 828 -13.70 -35.23 -15.60
N SER A 829 -14.92 -34.84 -15.31
CA SER A 829 -15.85 -34.38 -16.35
C SER A 829 -15.45 -32.95 -16.71
N PHE A 830 -15.87 -32.50 -17.85
CA PHE A 830 -15.52 -31.16 -18.33
C PHE A 830 -16.53 -30.62 -19.27
N GLN A 831 -16.52 -29.29 -19.41
CA GLN A 831 -17.37 -28.60 -20.36
C GLN A 831 -16.47 -27.71 -21.20
N HIS A 832 -16.79 -27.58 -22.48
CA HIS A 832 -15.97 -26.76 -23.37
C HIS A 832 -16.80 -25.90 -24.31
N ASP A 833 -16.44 -24.61 -24.42
CA ASP A 833 -17.11 -23.69 -25.34
C ASP A 833 -16.19 -23.54 -26.55
N PRO A 834 -16.59 -24.05 -27.74
CA PRO A 834 -15.69 -23.94 -28.91
C PRO A 834 -15.51 -22.53 -29.46
N GLU A 835 -16.46 -21.64 -29.22
CA GLU A 835 -16.38 -20.25 -29.68
C GLU A 835 -15.23 -19.50 -28.97
N THR A 836 -15.14 -19.66 -27.64
CA THR A 836 -14.12 -18.98 -26.81
C THR A 836 -12.94 -19.85 -26.47
N SER A 837 -13.00 -21.16 -26.71
CA SER A 837 -11.92 -22.06 -26.35
C SER A 837 -11.70 -22.01 -24.83
N VAL A 838 -12.82 -22.07 -24.07
CA VAL A 838 -12.80 -22.12 -22.61
C VAL A 838 -13.20 -23.51 -22.18
N LEU A 839 -12.37 -24.12 -21.38
CA LEU A 839 -12.51 -25.48 -20.87
C LEU A 839 -12.69 -25.40 -19.38
N ILE A 840 -13.76 -26.00 -18.85
CA ILE A 840 -14.04 -26.00 -17.44
C ILE A 840 -13.90 -27.41 -16.91
N LEU A 841 -12.99 -27.64 -15.97
CA LEU A 841 -12.74 -28.95 -15.37
C LEU A 841 -13.50 -29.04 -14.06
N ARG A 842 -14.39 -30.02 -13.99
CA ARG A 842 -15.25 -30.22 -12.83
C ARG A 842 -14.59 -30.85 -11.65
N LYS A 843 -14.73 -30.20 -10.47
CA LYS A 843 -14.41 -30.78 -9.20
C LYS A 843 -13.15 -31.67 -9.14
N PRO A 844 -11.98 -31.08 -9.32
CA PRO A 844 -10.74 -31.86 -9.14
C PRO A 844 -10.71 -32.55 -7.77
N GLY A 845 -11.18 -31.85 -6.72
CA GLY A 845 -11.37 -32.45 -5.40
C GLY A 845 -10.13 -32.68 -4.56
N VAL A 846 -9.01 -32.12 -4.96
CA VAL A 846 -7.74 -32.33 -4.31
C VAL A 846 -7.40 -31.23 -3.34
N SER A 847 -6.72 -31.59 -2.25
CA SER A 847 -6.27 -30.61 -1.27
C SER A 847 -5.27 -29.63 -1.92
N VAL A 848 -5.40 -28.35 -1.59
CA VAL A 848 -4.46 -27.34 -2.08
C VAL A 848 -3.03 -27.56 -1.51
N ALA A 849 -2.90 -28.34 -0.42
CA ALA A 849 -1.60 -28.63 0.19
C ALA A 849 -0.87 -29.73 -0.54
N SER A 850 -1.53 -30.45 -1.47
CA SER A 850 -0.93 -31.59 -2.15
C SER A 850 -0.37 -31.28 -3.50
N ASP A 851 0.68 -32.01 -3.86
CA ASP A 851 1.14 -32.01 -5.25
C ASP A 851 0.12 -32.81 -6.08
N TRP A 852 -0.15 -32.34 -7.29
CA TRP A 852 -1.04 -33.03 -8.22
C TRP A 852 -0.77 -32.60 -9.64
N SER A 853 -1.25 -33.39 -10.58
CA SER A 853 -1.13 -33.06 -12.00
C SER A 853 -2.46 -33.42 -12.66
N ILE A 854 -2.89 -32.59 -13.62
CA ILE A 854 -4.04 -32.83 -14.44
C ILE A 854 -3.55 -32.89 -15.88
N HIS A 855 -3.81 -33.99 -16.56
CA HIS A 855 -3.40 -34.17 -17.95
CA HIS A 855 -3.40 -34.23 -17.96
C HIS A 855 -4.61 -34.13 -18.87
N LEU A 856 -4.51 -33.35 -19.94
CA LEU A 856 -5.58 -33.23 -20.92
C LEU A 856 -5.16 -34.16 -22.07
N ARG A 857 -5.91 -35.22 -22.30
CA ARG A 857 -5.63 -36.24 -23.33
C ARG A 857 -6.34 -35.91 -24.62
N PHE B 1 -33.56 -57.89 -14.76
CA PHE B 1 -33.24 -58.44 -13.44
C PHE B 1 -33.30 -57.30 -12.40
N TYR B 2 -32.26 -56.45 -12.26
CA TYR B 2 -32.29 -55.32 -11.32
C TYR B 2 -32.54 -54.04 -12.11
N GLU B 3 -33.56 -53.25 -11.72
CA GLU B 3 -33.83 -51.97 -12.38
C GLU B 3 -33.05 -50.87 -11.67
N GLU B 4 -32.37 -50.00 -12.43
CA GLU B 4 -31.61 -48.87 -11.88
C GLU B 4 -32.51 -47.69 -11.59
N SER B 5 -32.19 -46.93 -10.53
CA SER B 5 -32.94 -45.72 -10.18
C SER B 5 -32.67 -44.65 -11.23
N LYS B 6 -33.63 -43.76 -11.45
CA LYS B 6 -33.47 -42.72 -12.46
C LYS B 6 -32.56 -41.60 -11.91
N PRO B 7 -31.82 -40.90 -12.79
CA PRO B 7 -30.97 -39.78 -12.34
C PRO B 7 -31.76 -38.52 -11.98
N PHE B 8 -31.05 -37.52 -11.46
CA PHE B 8 -31.63 -36.25 -11.08
C PHE B 8 -31.60 -35.32 -12.26
N THR B 9 -32.67 -34.59 -12.52
CA THR B 9 -32.68 -33.58 -13.56
C THR B 9 -32.88 -32.26 -12.86
N CYS B 10 -32.00 -31.29 -13.14
CA CYS B 10 -32.05 -29.92 -12.61
C CYS B 10 -33.46 -29.40 -12.81
N LEU B 11 -34.03 -28.67 -11.85
CA LEU B 11 -35.38 -28.12 -12.01
C LEU B 11 -35.50 -27.23 -13.26
N ASP B 12 -34.40 -26.63 -13.76
CA ASP B 12 -34.38 -25.81 -14.98
C ASP B 12 -34.13 -26.61 -16.29
N GLY B 13 -33.97 -27.94 -16.20
CA GLY B 13 -33.69 -28.81 -17.34
C GLY B 13 -32.31 -28.69 -17.97
N THR B 14 -31.35 -28.01 -17.30
CA THR B 14 -30.01 -27.77 -17.89
C THR B 14 -29.05 -28.95 -17.85
N ALA B 15 -29.27 -29.91 -16.95
CA ALA B 15 -28.42 -31.10 -16.92
C ALA B 15 -29.11 -32.25 -16.20
N THR B 16 -28.59 -33.44 -16.40
CA THR B 16 -29.05 -34.67 -15.75
C THR B 16 -27.81 -35.26 -15.17
N ILE B 17 -27.86 -35.54 -13.87
CA ILE B 17 -26.72 -36.03 -13.14
C ILE B 17 -27.16 -37.15 -12.24
N PRO B 18 -26.27 -38.06 -11.83
CA PRO B 18 -26.71 -39.04 -10.85
C PRO B 18 -26.95 -38.32 -9.54
N PHE B 19 -27.73 -38.94 -8.68
CA PHE B 19 -28.03 -38.35 -7.39
C PHE B 19 -26.78 -38.23 -6.47
N ASP B 20 -25.64 -38.92 -6.77
CA ASP B 20 -24.41 -38.68 -6.02
C ASP B 20 -23.82 -37.28 -6.30
N GLN B 21 -24.29 -36.56 -7.34
CA GLN B 21 -23.87 -35.19 -7.62
C GLN B 21 -24.86 -34.19 -7.00
N VAL B 22 -25.80 -34.70 -6.19
CA VAL B 22 -26.77 -33.88 -5.44
C VAL B 22 -26.16 -33.68 -4.06
N ASN B 23 -26.07 -32.43 -3.63
CA ASN B 23 -25.40 -32.09 -2.36
C ASN B 23 -24.01 -32.68 -2.28
N ASP B 24 -23.24 -32.60 -3.39
CA ASP B 24 -21.87 -33.10 -3.39
C ASP B 24 -20.87 -31.93 -3.31
N ASP B 25 -21.34 -30.74 -2.95
CA ASP B 25 -20.50 -29.57 -2.75
C ASP B 25 -19.79 -29.06 -4.02
N TYR B 26 -20.44 -29.26 -5.17
CA TYR B 26 -20.04 -28.71 -6.46
C TYR B 26 -21.32 -28.35 -7.20
N CYS B 27 -21.39 -27.18 -7.77
CA CYS B 27 -22.58 -26.73 -8.44
C CYS B 27 -22.72 -27.25 -9.87
N ASP B 28 -23.69 -28.14 -10.09
CA ASP B 28 -23.94 -28.74 -11.40
C ASP B 28 -25.15 -28.18 -12.15
N CYS B 29 -26.05 -27.45 -11.46
CA CYS B 29 -27.27 -26.89 -12.05
C CYS B 29 -27.20 -25.37 -12.08
N LYS B 30 -27.56 -24.75 -13.22
CA LYS B 30 -27.57 -23.29 -13.35
C LYS B 30 -28.51 -22.64 -12.37
N ASP B 31 -29.60 -23.34 -11.98
CA ASP B 31 -30.56 -22.83 -10.98
C ASP B 31 -30.19 -23.15 -9.52
N GLY B 32 -29.11 -23.91 -9.30
CA GLY B 32 -28.67 -24.29 -7.97
C GLY B 32 -29.43 -25.43 -7.32
N SER B 33 -30.34 -26.07 -8.08
CA SER B 33 -31.25 -27.08 -7.52
C SER B 33 -30.60 -28.39 -7.09
N ASP B 34 -29.38 -28.67 -7.52
CA ASP B 34 -28.65 -29.87 -7.08
C ASP B 34 -27.95 -29.65 -5.74
N GLU B 35 -27.86 -28.39 -5.23
CA GLU B 35 -27.14 -28.14 -3.98
C GLU B 35 -27.96 -27.38 -2.93
N PRO B 36 -29.15 -27.88 -2.58
CA PRO B 36 -29.96 -27.17 -1.59
C PRO B 36 -29.37 -27.18 -0.19
N GLY B 37 -28.48 -28.13 0.10
CA GLY B 37 -27.91 -28.28 1.43
C GLY B 37 -26.51 -27.78 1.63
N THR B 38 -25.85 -27.20 0.60
CA THR B 38 -24.46 -26.78 0.71
C THR B 38 -24.35 -25.32 0.28
N ALA B 39 -23.13 -24.79 0.32
CA ALA B 39 -22.78 -23.42 -0.11
C ALA B 39 -22.22 -23.40 -1.53
N ALA B 40 -22.41 -24.48 -2.31
CA ALA B 40 -21.71 -24.60 -3.60
C ALA B 40 -22.24 -23.76 -4.72
N CYS B 41 -23.54 -23.43 -4.75
CA CYS B 41 -24.13 -22.70 -5.86
C CYS B 41 -24.29 -21.23 -5.54
N PRO B 42 -23.98 -20.33 -6.52
CA PRO B 42 -24.11 -18.89 -6.26
C PRO B 42 -25.52 -18.37 -6.17
N ASN B 43 -26.51 -19.11 -6.65
CA ASN B 43 -27.90 -18.66 -6.63
C ASN B 43 -28.83 -19.64 -5.93
N GLY B 44 -28.27 -20.50 -5.09
CA GLY B 44 -29.06 -21.46 -4.36
C GLY B 44 -29.69 -20.85 -3.12
N SER B 45 -30.53 -21.65 -2.46
CA SER B 45 -31.17 -21.28 -1.22
C SER B 45 -31.15 -22.48 -0.30
N PHE B 46 -31.06 -22.22 0.99
CA PHE B 46 -31.05 -23.22 2.01
C PHE B 46 -32.32 -23.00 2.79
N HIS B 47 -33.03 -24.08 3.06
CA HIS B 47 -34.29 -24.04 3.81
C HIS B 47 -34.06 -24.28 5.30
N CYS B 48 -34.44 -23.31 6.15
CA CYS B 48 -34.39 -23.39 7.63
C CYS B 48 -35.72 -24.03 8.01
N THR B 49 -35.71 -25.29 8.37
CA THR B 49 -36.96 -25.98 8.70
C THR B 49 -37.62 -25.41 9.96
N ASN B 50 -36.81 -24.93 10.94
CA ASN B 50 -37.25 -24.28 12.17
C ASN B 50 -38.47 -25.02 12.78
N THR B 51 -38.30 -26.31 13.01
CA THR B 51 -39.34 -27.24 13.50
C THR B 51 -40.10 -26.63 14.67
N GLY B 52 -41.40 -26.49 14.53
CA GLY B 52 -42.25 -25.90 15.55
C GLY B 52 -42.60 -24.44 15.29
N TYR B 53 -41.85 -23.76 14.38
CA TYR B 53 -41.99 -22.31 14.15
C TYR B 53 -42.01 -21.99 12.66
N LYS B 54 -42.00 -20.70 12.28
CA LYS B 54 -42.04 -20.32 10.87
C LYS B 54 -40.73 -20.67 10.13
N PRO B 55 -40.82 -21.43 9.04
CA PRO B 55 -39.60 -21.72 8.26
C PRO B 55 -39.14 -20.50 7.44
N LEU B 56 -37.85 -20.42 7.14
CA LEU B 56 -37.19 -19.31 6.43
C LEU B 56 -36.25 -19.89 5.38
N TYR B 57 -35.99 -19.16 4.31
CA TYR B 57 -34.98 -19.55 3.32
C TYR B 57 -33.85 -18.54 3.44
N ILE B 58 -32.59 -18.98 3.30
CA ILE B 58 -31.44 -18.06 3.29
C ILE B 58 -30.65 -18.30 2.02
N LEU B 59 -29.69 -17.43 1.74
CA LEU B 59 -28.78 -17.60 0.60
C LEU B 59 -27.89 -18.86 0.84
N SER B 60 -27.57 -19.61 -0.20
CA SER B 60 -26.64 -20.75 -0.06
C SER B 60 -25.27 -20.34 0.47
N SER B 61 -24.82 -19.10 0.14
CA SER B 61 -23.51 -18.62 0.61
C SER B 61 -23.47 -18.45 2.12
N ARG B 62 -24.63 -18.57 2.81
CA ARG B 62 -24.72 -18.52 4.26
C ARG B 62 -24.80 -19.89 4.94
N VAL B 63 -24.55 -20.96 4.16
CA VAL B 63 -24.47 -22.31 4.69
C VAL B 63 -23.02 -22.53 5.09
N ASN B 64 -22.78 -22.85 6.34
CA ASN B 64 -21.44 -23.09 6.88
C ASN B 64 -20.50 -21.90 6.67
N ASP B 65 -21.03 -20.70 6.86
CA ASP B 65 -20.21 -19.49 6.80
C ASP B 65 -19.70 -19.09 8.18
N GLY B 66 -20.03 -19.87 9.22
CA GLY B 66 -19.69 -19.60 10.61
C GLY B 66 -20.60 -18.62 11.32
N VAL B 67 -21.67 -18.16 10.65
CA VAL B 67 -22.64 -17.20 11.18
C VAL B 67 -23.96 -17.92 11.38
N CYS B 68 -24.64 -17.68 12.52
CA CYS B 68 -25.94 -18.33 12.77
C CYS B 68 -27.07 -17.61 12.04
N ASP B 69 -27.54 -18.15 10.88
CA ASP B 69 -28.62 -17.55 10.08
C ASP B 69 -30.03 -18.11 10.37
N CYS B 70 -30.16 -19.41 10.55
CA CYS B 70 -31.45 -20.05 10.84
C CYS B 70 -31.68 -19.97 12.35
N CYS B 71 -32.91 -19.74 12.83
CA CYS B 71 -33.10 -19.80 14.31
C CYS B 71 -32.84 -21.20 14.87
N ASP B 72 -33.00 -22.27 14.05
CA ASP B 72 -32.71 -23.65 14.47
C ASP B 72 -31.24 -24.05 14.35
N GLY B 73 -30.41 -23.16 13.77
CA GLY B 73 -28.98 -23.37 13.64
C GLY B 73 -28.54 -24.41 12.62
N THR B 74 -29.48 -24.94 11.79
CA THR B 74 -29.18 -26.02 10.84
C THR B 74 -28.31 -25.60 9.68
N ASP B 75 -28.15 -24.28 9.44
CA ASP B 75 -27.26 -23.78 8.37
C ASP B 75 -25.79 -24.00 8.72
N GLU B 76 -25.47 -24.19 10.02
CA GLU B 76 -24.11 -24.39 10.48
C GLU B 76 -23.99 -25.82 10.96
N TYR B 77 -23.54 -26.71 10.10
CA TYR B 77 -23.44 -28.12 10.44
C TYR B 77 -22.00 -28.66 10.33
N ASN B 78 -21.08 -27.94 9.68
CA ASN B 78 -19.69 -28.40 9.57
C ASN B 78 -18.71 -27.22 9.55
N SER B 79 -19.05 -26.13 10.20
CA SER B 79 -18.19 -24.94 10.13
C SER B 79 -17.32 -24.69 11.35
N GLY B 80 -17.61 -25.31 12.49
CA GLY B 80 -16.93 -24.98 13.73
C GLY B 80 -17.75 -24.05 14.61
N THR B 81 -18.72 -23.30 14.03
CA THR B 81 -19.62 -22.49 14.84
C THR B 81 -20.75 -23.43 15.23
N VAL B 82 -21.03 -23.56 16.53
CA VAL B 82 -22.15 -24.38 17.01
C VAL B 82 -23.18 -23.36 17.39
N CYS B 83 -24.29 -23.37 16.66
CA CYS B 83 -25.40 -22.46 16.84
C CYS B 83 -26.41 -23.04 17.79
N GLU B 84 -26.98 -22.20 18.65
CA GLU B 84 -28.03 -22.60 19.58
C GLU B 84 -29.37 -22.34 18.92
N ASN B 85 -30.39 -23.14 19.31
CA ASN B 85 -31.73 -22.95 18.80
C ASN B 85 -32.32 -21.71 19.49
N THR B 86 -32.69 -20.69 18.72
CA THR B 86 -33.25 -19.45 19.24
C THR B 86 -34.63 -19.21 18.65
N CYS B 87 -35.37 -20.25 18.19
CA CYS B 87 -36.64 -19.98 17.52
C CYS B 87 -37.71 -19.37 18.42
N ARG B 88 -37.67 -19.69 19.70
CA ARG B 88 -38.63 -19.10 20.67
C ARG B 88 -38.37 -17.60 20.88
#